data_7SK5
#
_entry.id   7SK5
#
_cell.length_a   1.00
_cell.length_b   1.00
_cell.length_c   1.00
_cell.angle_alpha   90.00
_cell.angle_beta   90.00
_cell.angle_gamma   90.00
#
_symmetry.space_group_name_H-M   'P 1'
#
loop_
_entity.id
_entity.type
_entity.pdbx_description
1 polymer 'Atypical chemokine receptor 3'
2 polymer 'CID24 Fab heavy chain'
3 polymer 'Stromal cell-derived factor 1'
4 polymer 'CID24 Fab light chain'
5 polymer 'Anti-Fab nanobody'
6 non-polymer CHOLESTEROL
#
loop_
_entity_poly.entity_id
_entity_poly.type
_entity_poly.pdbx_seq_one_letter_code
_entity_poly.pdbx_strand_id
1 'polypeptide(L)'
;GAPDLHLFDYSEPGNFSDISWPCNSSDCIVVDTVMCPNMPNKSVLLYTLSFIYIFIFVIGMIANSVVVWVNIQAKTTGYD
THCYILNLAIADLWVVLTIPVWVVSLVQHNQWPMGELTCKVTHLIFSINLFGSIFFLTCMSVDRYLSITYFTNTPSSRKK
MVRRVVCILVWLLAFCVSLPDTYYLKTVTSASNNETYCRSFYPEHSIKEWLIGMELVSVVLGFAVPFSIIAVFYFLLARA
ISASSDQEKHSSRKIIFSYVVVFLVCWLPYHVAVLLDIFSILHYIPFTCRLEHALFTALHVTQCLSLVHCCVNPVLYSFI
NRNYRYELMKAFIFKYSAKTGLTKLIDASRVSETEYSALEQSTKGRPLEVLFQGPHHHHHHHHHHDYKDDDDK
;
A
2 'polypeptide(L)'
;EISEVQLVESGGGLVQPGGSLRLSCAASGFNISSSSIHWVRQAPGKGLEWVASISPSYGYTSYADSVKGRFTISADTSKN
TAYLQMNSLRAEDTAVYYCARVSYWDWTWGWSKYEGMDYWGQGTLVTVSSASTKGPSVFPLAPSSKSTSGGTAALGCLVK
DYFPEPVTVSWNSGALTSGVHTFPAVLQSSGLYSLSSVVTVPSSSLGTQTYICNVNHKPSNTKVDKKVEPKSCDKTHT
;
F
3 'polypeptide(L)' KPVSLSYRCPCRFFESHVARANVKHLKILNTPNCALQIVARLKNNNRQVCIDPKLKWIQEYLEKALNK B
4 'polypeptide(L)'
;SDIQMTQSPSSLSASVGDRVTITCRASQSVSSAVAWYQQKPGKAPKLLIYSASSLYSGVPSRFSGSRSGTDFTLTISSLQ
PEDFATYYCQQSYYYPITFGQGTKVEIKRTVAAPSVFIFPPSDSQLKSGTASVVCLLNNFYPREAKVQWKVDNALQSGNS
QESVTEQDSKDSTYSLSSTLTLSKADYEKHKVYACEVTHQGLSSPVTKSFNRGEC
;
E
5 'polypeptide(L)'
;GSQVQLQESGGGLVQPGGSLRLSCAASGRTISRYAMSWFRQAPGKEREFVAVARRSGDGAFYADSVQGRFTVSRDDAKNT
VYLQMNSLKPEDTAVYYCAIDSDTFYSGSYDYWGQGTQVTVSS
;
K
#
# COMPACT_ATOMS: atom_id res chain seq x y z
N VAL A 30 -75.18 -29.12 10.12
CA VAL A 30 -74.20 -29.42 9.07
C VAL A 30 -72.84 -29.64 9.71
N VAL A 31 -72.40 -30.90 9.73
CA VAL A 31 -71.15 -31.27 10.37
C VAL A 31 -70.37 -32.18 9.44
N ASP A 32 -69.04 -32.19 9.61
CA ASP A 32 -68.15 -33.07 8.88
C ASP A 32 -67.26 -33.80 9.89
N THR A 33 -66.95 -35.06 9.59
CA THR A 33 -66.15 -35.91 10.46
C THR A 33 -65.09 -36.60 9.61
N VAL A 34 -63.93 -35.97 9.49
CA VAL A 34 -62.82 -36.53 8.73
C VAL A 34 -61.98 -37.38 9.68
N MET A 35 -61.91 -38.68 9.39
CA MET A 35 -61.10 -39.61 10.18
C MET A 35 -59.80 -39.83 9.43
N CYS A 36 -58.84 -38.94 9.67
CA CYS A 36 -57.57 -39.00 8.97
C CYS A 36 -56.86 -40.31 9.28
N PRO A 37 -56.51 -41.12 8.28
CA PRO A 37 -55.80 -42.37 8.58
C PRO A 37 -54.39 -42.11 9.05
N ASN A 38 -53.82 -43.12 9.70
CA ASN A 38 -52.45 -43.01 10.19
C ASN A 38 -51.50 -42.67 9.04
N MET A 39 -50.59 -41.74 9.31
CA MET A 39 -49.67 -41.30 8.27
C MET A 39 -48.88 -42.49 7.73
N PRO A 40 -48.70 -42.59 6.41
CA PRO A 40 -47.95 -43.72 5.86
C PRO A 40 -46.57 -43.82 6.49
N ASN A 41 -45.91 -44.95 6.23
CA ASN A 41 -44.59 -45.18 6.80
C ASN A 41 -43.56 -44.30 6.12
N LYS A 42 -43.63 -43.00 6.38
CA LYS A 42 -42.70 -42.06 5.76
C LYS A 42 -41.30 -42.15 6.35
N SER A 43 -41.10 -42.95 7.41
CA SER A 43 -39.80 -43.02 8.06
C SER A 43 -38.67 -43.18 7.05
N VAL A 44 -38.97 -43.76 5.89
CA VAL A 44 -37.98 -43.82 4.82
C VAL A 44 -37.60 -42.41 4.37
N LEU A 45 -38.60 -41.54 4.23
CA LEU A 45 -38.30 -40.14 3.93
C LEU A 45 -37.40 -39.54 5.00
N LEU A 46 -37.70 -39.84 6.27
CA LEU A 46 -36.89 -39.27 7.36
C LEU A 46 -35.47 -39.79 7.29
N TYR A 47 -35.30 -41.09 7.02
CA TYR A 47 -33.94 -41.63 6.89
C TYR A 47 -33.22 -41.00 5.71
N THR A 48 -33.92 -40.82 4.59
CA THR A 48 -33.29 -40.18 3.42
C THR A 48 -32.85 -38.76 3.77
N LEU A 49 -33.71 -38.00 4.42
CA LEU A 49 -33.34 -36.64 4.82
C LEU A 49 -32.18 -36.66 5.80
N SER A 50 -32.11 -37.68 6.66
CA SER A 50 -31.00 -37.79 7.58
C SER A 50 -29.68 -37.97 6.83
N PHE A 51 -29.68 -38.79 5.78
CA PHE A 51 -28.48 -38.94 4.97
C PHE A 51 -28.04 -37.61 4.37
N ILE A 52 -28.98 -36.83 3.85
CA ILE A 52 -28.63 -35.54 3.26
C ILE A 52 -28.01 -34.63 4.31
N TYR A 53 -28.60 -34.59 5.51
CA TYR A 53 -28.09 -33.69 6.55
C TYR A 53 -26.67 -34.05 6.97
N ILE A 54 -26.36 -35.34 7.08
CA ILE A 54 -25.01 -35.72 7.50
C ILE A 54 -24.00 -35.35 6.43
N PHE A 55 -24.34 -35.52 5.15
CA PHE A 55 -23.44 -35.08 4.08
C PHE A 55 -23.18 -33.58 4.19
N ILE A 56 -24.24 -32.79 4.37
CA ILE A 56 -24.06 -31.35 4.50
C ILE A 56 -23.19 -31.03 5.70
N PHE A 57 -23.41 -31.73 6.81
CA PHE A 57 -22.62 -31.47 8.01
C PHE A 57 -21.12 -31.62 7.73
N VAL A 58 -20.72 -32.75 7.18
CA VAL A 58 -19.29 -32.99 6.96
C VAL A 58 -18.72 -31.96 5.97
N ILE A 59 -19.42 -31.77 4.85
CA ILE A 59 -18.90 -30.88 3.81
C ILE A 59 -18.79 -29.46 4.34
N GLY A 60 -19.85 -28.96 4.97
CA GLY A 60 -19.84 -27.59 5.45
C GLY A 60 -18.78 -27.33 6.51
N MET A 61 -18.66 -28.24 7.47
CA MET A 61 -17.66 -28.07 8.53
C MET A 61 -16.26 -27.95 7.93
N ILE A 62 -15.88 -28.89 7.08
CA ILE A 62 -14.54 -28.88 6.51
C ILE A 62 -14.30 -27.62 5.70
N ALA A 63 -15.22 -27.30 4.79
CA ALA A 63 -15.01 -26.18 3.88
C ALA A 63 -14.89 -24.86 4.63
N ASN A 64 -15.82 -24.60 5.56
CA ASN A 64 -15.82 -23.32 6.25
C ASN A 64 -14.59 -23.19 7.16
N SER A 65 -14.18 -24.28 7.80
CA SER A 65 -12.98 -24.24 8.63
C SER A 65 -11.75 -23.86 7.82
N VAL A 66 -11.62 -24.42 6.62
CA VAL A 66 -10.47 -24.11 5.76
C VAL A 66 -10.46 -22.63 5.40
N VAL A 67 -11.63 -22.07 5.08
CA VAL A 67 -11.68 -20.65 4.72
C VAL A 67 -11.19 -19.79 5.88
N VAL A 68 -11.65 -20.09 7.09
CA VAL A 68 -11.21 -19.30 8.25
C VAL A 68 -9.71 -19.45 8.44
N TRP A 69 -9.20 -20.68 8.32
CA TRP A 69 -7.77 -20.91 8.50
C TRP A 69 -6.96 -20.13 7.48
N VAL A 70 -7.36 -20.20 6.20
CA VAL A 70 -6.63 -19.49 5.16
C VAL A 70 -6.70 -17.98 5.40
N ASN A 71 -7.89 -17.48 5.77
CA ASN A 71 -8.06 -16.05 5.95
C ASN A 71 -7.18 -15.52 7.09
N ILE A 72 -7.14 -16.23 8.21
CA ILE A 72 -6.35 -15.75 9.34
C ILE A 72 -4.86 -15.82 9.03
N GLN A 73 -4.43 -16.87 8.32
CA GLN A 73 -3.01 -17.01 8.00
C GLN A 73 -2.57 -15.93 7.01
N ALA A 74 -3.44 -15.60 6.04
CA ALA A 74 -3.00 -14.77 4.93
C ALA A 74 -2.49 -13.41 5.41
N LYS A 75 -2.97 -12.94 6.56
CA LYS A 75 -2.60 -11.60 7.01
C LYS A 75 -1.08 -11.45 7.13
N THR A 76 -0.38 -12.52 7.52
CA THR A 76 1.06 -12.44 7.68
C THR A 76 1.75 -12.19 6.33
N THR A 77 1.25 -12.83 5.27
CA THR A 77 1.86 -12.64 3.96
C THR A 77 1.77 -11.20 3.50
N GLY A 78 0.63 -10.55 3.73
CA GLY A 78 0.45 -9.17 3.34
C GLY A 78 -0.87 -8.91 2.62
N TYR A 79 -1.71 -9.94 2.53
CA TYR A 79 -3.00 -9.78 1.86
C TYR A 79 -3.92 -8.87 2.68
N ASP A 80 -4.96 -8.38 2.01
CA ASP A 80 -6.01 -7.60 2.66
C ASP A 80 -7.23 -8.49 2.81
N THR A 81 -7.24 -9.27 3.89
CA THR A 81 -8.31 -10.22 4.16
C THR A 81 -9.53 -9.48 4.63
N HIS A 82 -10.60 -9.53 3.83
CA HIS A 82 -11.77 -8.70 4.09
C HIS A 82 -12.56 -9.32 5.24
N CYS A 83 -12.91 -8.48 6.23
CA CYS A 83 -13.43 -9.01 7.48
C CYS A 83 -14.77 -9.71 7.32
N TYR A 84 -15.61 -9.25 6.39
CA TYR A 84 -16.91 -9.88 6.19
C TYR A 84 -16.77 -11.37 5.95
N ILE A 85 -15.76 -11.79 5.18
CA ILE A 85 -15.60 -13.20 4.86
C ILE A 85 -15.34 -14.00 6.12
N LEU A 86 -14.47 -13.51 6.99
CA LEU A 86 -14.17 -14.23 8.22
C LEU A 86 -15.42 -14.35 9.09
N ASN A 87 -16.16 -13.26 9.25
CA ASN A 87 -17.37 -13.28 10.07
C ASN A 87 -18.42 -14.20 9.47
N LEU A 88 -18.60 -14.14 8.15
CA LEU A 88 -19.58 -15.00 7.49
C LEU A 88 -19.21 -16.46 7.62
N ALA A 89 -17.93 -16.78 7.48
CA ALA A 89 -17.49 -18.17 7.65
C ALA A 89 -17.78 -18.67 9.06
N ILE A 90 -17.54 -17.83 10.07
CA ILE A 90 -17.83 -18.22 11.45
C ILE A 90 -19.30 -18.52 11.61
N ALA A 91 -20.17 -17.67 11.07
CA ALA A 91 -21.61 -17.88 11.21
C ALA A 91 -22.03 -19.22 10.62
N ASP A 92 -21.60 -19.49 9.38
CA ASP A 92 -21.98 -20.76 8.75
C ASP A 92 -21.41 -21.95 9.50
N LEU A 93 -20.21 -21.82 10.08
CA LEU A 93 -19.63 -22.92 10.83
C LEU A 93 -20.52 -23.32 12.01
N TRP A 94 -21.01 -22.33 12.76
CA TRP A 94 -21.90 -22.64 13.88
C TRP A 94 -23.18 -23.31 13.40
N VAL A 95 -23.78 -22.80 12.33
CA VAL A 95 -25.04 -23.36 11.84
C VAL A 95 -24.86 -24.83 11.49
N VAL A 96 -23.83 -25.14 10.69
CA VAL A 96 -23.62 -26.52 10.27
C VAL A 96 -23.11 -27.38 11.41
N LEU A 97 -22.53 -26.78 12.44
CA LEU A 97 -22.09 -27.53 13.60
C LEU A 97 -23.23 -27.91 14.53
N THR A 98 -24.35 -27.19 14.48
CA THR A 98 -25.50 -27.45 15.33
C THR A 98 -26.63 -28.17 14.59
N ILE A 99 -26.31 -28.85 13.50
CA ILE A 99 -27.32 -29.64 12.78
C ILE A 99 -27.57 -30.98 13.48
N PRO A 100 -26.58 -31.64 14.07
CA PRO A 100 -26.83 -33.01 14.55
C PRO A 100 -27.99 -33.10 15.51
N VAL A 101 -28.17 -32.08 16.35
CA VAL A 101 -29.29 -32.09 17.30
C VAL A 101 -30.61 -32.22 16.55
N TRP A 102 -30.76 -31.49 15.44
CA TRP A 102 -31.97 -31.60 14.65
C TRP A 102 -32.14 -33.00 14.09
N VAL A 103 -31.03 -33.62 13.67
CA VAL A 103 -31.10 -34.97 13.13
C VAL A 103 -31.60 -35.94 14.19
N VAL A 104 -31.08 -35.83 15.41
CA VAL A 104 -31.52 -36.73 16.48
C VAL A 104 -33.00 -36.54 16.73
N SER A 105 -33.44 -35.28 16.81
CA SER A 105 -34.86 -35.01 17.03
C SER A 105 -35.69 -35.56 15.88
N LEU A 106 -35.23 -35.38 14.64
CA LEU A 106 -36.04 -35.72 13.49
C LEU A 106 -36.14 -37.23 13.31
N VAL A 107 -35.06 -37.95 13.59
CA VAL A 107 -35.07 -39.41 13.43
C VAL A 107 -36.17 -40.04 14.26
N GLN A 108 -36.60 -39.37 15.33
CA GLN A 108 -37.65 -39.86 16.20
C GLN A 108 -39.01 -39.26 15.88
N HIS A 109 -39.15 -38.62 14.72
CA HIS A 109 -40.43 -38.12 14.23
C HIS A 109 -41.00 -37.05 15.17
N ASN A 110 -40.25 -35.96 15.29
CA ASN A 110 -40.62 -34.72 15.97
C ASN A 110 -40.52 -34.82 17.49
N GLN A 111 -40.13 -35.96 18.05
CA GLN A 111 -40.00 -36.08 19.48
C GLN A 111 -38.78 -35.30 19.96
N TRP A 112 -38.54 -35.34 21.27
CA TRP A 112 -37.39 -34.65 21.85
C TRP A 112 -36.96 -35.36 23.12
N PRO A 113 -35.80 -36.04 23.13
CA PRO A 113 -35.34 -36.71 24.35
C PRO A 113 -34.39 -35.91 25.22
N MET A 114 -33.94 -34.74 24.78
CA MET A 114 -32.95 -33.97 25.52
C MET A 114 -33.63 -33.01 26.50
N GLY A 115 -32.80 -32.35 27.30
CA GLY A 115 -33.32 -31.45 28.32
C GLY A 115 -33.77 -30.12 27.76
N GLU A 116 -34.58 -29.42 28.56
CA GLU A 116 -35.13 -28.14 28.13
C GLU A 116 -34.03 -27.12 27.89
N LEU A 117 -33.06 -27.03 28.80
CA LEU A 117 -31.99 -26.05 28.64
C LEU A 117 -31.27 -26.25 27.31
N THR A 118 -31.06 -27.50 26.91
CA THR A 118 -30.44 -27.77 25.62
C THR A 118 -31.28 -27.22 24.47
N CYS A 119 -32.61 -27.40 24.54
CA CYS A 119 -33.47 -26.89 23.49
C CYS A 119 -33.32 -25.37 23.35
N LYS A 120 -33.40 -24.65 24.47
CA LYS A 120 -33.29 -23.19 24.42
C LYS A 120 -31.95 -22.78 23.82
N VAL A 121 -30.85 -23.35 24.33
CA VAL A 121 -29.53 -22.94 23.88
C VAL A 121 -29.34 -23.26 22.41
N THR A 122 -29.74 -24.46 21.98
CA THR A 122 -29.54 -24.87 20.60
C THR A 122 -30.29 -23.96 19.64
N HIS A 123 -31.55 -23.66 19.94
CA HIS A 123 -32.32 -22.79 19.06
C HIS A 123 -31.72 -21.39 19.00
N LEU A 124 -31.28 -20.87 20.15
CA LEU A 124 -30.69 -19.54 20.16
C LEU A 124 -29.46 -19.48 19.26
N ILE A 125 -28.58 -20.47 19.37
CA ILE A 125 -27.38 -20.49 18.54
C ILE A 125 -27.78 -20.53 17.06
N PHE A 126 -28.71 -21.41 16.72
CA PHE A 126 -29.12 -21.56 15.33
C PHE A 126 -29.66 -20.25 14.77
N SER A 127 -30.62 -19.63 15.47
CA SER A 127 -31.24 -18.42 14.94
C SER A 127 -30.23 -17.29 14.76
N ILE A 128 -29.38 -17.07 15.77
CA ILE A 128 -28.41 -15.98 15.68
C ILE A 128 -27.51 -16.18 14.46
N ASN A 129 -26.95 -17.38 14.33
CA ASN A 129 -26.00 -17.62 13.25
C ASN A 129 -26.66 -17.55 11.88
N LEU A 130 -27.86 -18.11 11.74
CA LEU A 130 -28.52 -18.10 10.44
C LEU A 130 -28.82 -16.68 10.00
N PHE A 131 -29.37 -15.85 10.90
CA PHE A 131 -29.65 -14.47 10.54
C PHE A 131 -28.36 -13.69 10.32
N GLY A 132 -27.33 -13.99 11.09
CA GLY A 132 -26.04 -13.36 10.86
C GLY A 132 -25.52 -13.61 9.46
N SER A 133 -25.58 -14.87 9.01
CA SER A 133 -25.13 -15.20 7.67
C SER A 133 -25.95 -14.47 6.62
N ILE A 134 -27.26 -14.46 6.76
CA ILE A 134 -28.12 -13.85 5.76
C ILE A 134 -27.85 -12.37 5.64
N PHE A 135 -27.68 -11.68 6.77
CA PHE A 135 -27.39 -10.25 6.74
C PHE A 135 -26.01 -9.97 6.14
N PHE A 136 -25.03 -10.82 6.42
CA PHE A 136 -23.69 -10.56 5.93
C PHE A 136 -23.62 -10.60 4.41
N LEU A 137 -24.45 -11.42 3.77
CA LEU A 137 -24.51 -11.40 2.31
C LEU A 137 -24.85 -10.00 1.80
N THR A 138 -25.90 -9.39 2.36
CA THR A 138 -26.28 -8.06 1.92
C THR A 138 -25.18 -7.04 2.20
N CYS A 139 -24.57 -7.12 3.38
CA CYS A 139 -23.49 -6.20 3.71
C CYS A 139 -22.32 -6.35 2.74
N MET A 140 -22.01 -7.59 2.35
CA MET A 140 -20.94 -7.82 1.38
C MET A 140 -21.24 -7.15 0.05
N SER A 141 -22.48 -7.31 -0.43
CA SER A 141 -22.83 -6.73 -1.73
C SER A 141 -22.68 -5.21 -1.72
N VAL A 142 -23.17 -4.55 -0.67
CA VAL A 142 -23.07 -3.10 -0.61
C VAL A 142 -21.62 -2.67 -0.55
N ASP A 143 -20.81 -3.37 0.25
CA ASP A 143 -19.40 -3.00 0.37
C ASP A 143 -18.66 -3.17 -0.96
N ARG A 144 -18.97 -4.22 -1.70
CA ARG A 144 -18.32 -4.41 -3.00
C ARG A 144 -18.62 -3.26 -3.94
N TYR A 145 -19.90 -2.90 -4.08
CA TYR A 145 -20.25 -1.82 -4.99
C TYR A 145 -19.59 -0.52 -4.58
N LEU A 146 -19.57 -0.22 -3.28
CA LEU A 146 -18.91 0.99 -2.81
C LEU A 146 -17.41 0.94 -3.07
N SER A 147 -16.81 -0.25 -2.95
CA SER A 147 -15.37 -0.36 -3.14
C SER A 147 -14.97 0.03 -4.55
N ILE A 148 -15.74 -0.41 -5.56
CA ILE A 148 -15.42 -0.07 -6.94
C ILE A 148 -15.81 1.36 -7.30
N THR A 149 -16.60 2.03 -6.47
CA THR A 149 -17.11 3.36 -6.80
C THR A 149 -16.64 4.42 -5.83
N TYR A 150 -16.83 4.24 -4.53
CA TYR A 150 -16.62 5.30 -3.55
C TYR A 150 -15.34 5.14 -2.75
N PHE A 151 -15.14 3.96 -2.14
CA PHE A 151 -14.02 3.77 -1.23
C PHE A 151 -12.67 3.81 -1.93
N THR A 152 -12.64 3.97 -3.26
CA THR A 152 -11.39 3.86 -4.00
C THR A 152 -10.32 4.78 -3.45
N ASN A 153 -10.71 5.96 -2.98
CA ASN A 153 -9.74 6.95 -2.52
C ASN A 153 -9.60 7.00 -1.00
N THR A 154 -10.57 6.47 -0.26
CA THR A 154 -10.47 6.52 1.20
C THR A 154 -9.24 5.74 1.65
N PRO A 155 -8.57 6.18 2.71
CA PRO A 155 -7.41 5.45 3.19
C PRO A 155 -7.81 4.09 3.73
N SER A 156 -6.86 3.16 3.68
CA SER A 156 -7.17 1.79 4.08
C SER A 156 -7.61 1.72 5.54
N SER A 157 -6.97 2.52 6.40
CA SER A 157 -7.32 2.47 7.82
C SER A 157 -8.78 2.86 8.05
N ARG A 158 -9.25 3.90 7.37
CA ARG A 158 -10.62 4.35 7.59
C ARG A 158 -11.64 3.29 7.19
N LYS A 159 -11.45 2.68 6.02
CA LYS A 159 -12.40 1.66 5.59
C LYS A 159 -12.30 0.41 6.45
N LYS A 160 -11.10 0.08 6.93
CA LYS A 160 -10.97 -1.03 7.86
C LYS A 160 -11.78 -0.78 9.12
N MET A 161 -11.69 0.43 9.67
CA MET A 161 -12.47 0.77 10.87
C MET A 161 -13.97 0.69 10.58
N VAL A 162 -14.40 1.20 9.43
CA VAL A 162 -15.82 1.16 9.09
C VAL A 162 -16.31 -0.29 9.00
N ARG A 163 -15.52 -1.16 8.38
CA ARG A 163 -15.92 -2.55 8.26
C ARG A 163 -16.04 -3.21 9.62
N ARG A 164 -15.11 -2.91 10.54
CA ARG A 164 -15.20 -3.47 11.88
C ARG A 164 -16.45 -2.99 12.61
N VAL A 165 -16.79 -1.71 12.49
CA VAL A 165 -17.95 -1.18 13.20
C VAL A 165 -19.23 -1.85 12.72
N VAL A 166 -19.40 -1.96 11.40
CA VAL A 166 -20.61 -2.59 10.87
C VAL A 166 -20.64 -4.08 11.22
N CYS A 167 -19.48 -4.72 11.30
CA CYS A 167 -19.44 -6.10 11.75
C CYS A 167 -20.03 -6.26 13.15
N ILE A 168 -19.65 -5.36 14.06
CA ILE A 168 -20.21 -5.41 15.41
C ILE A 168 -21.72 -5.19 15.37
N LEU A 169 -22.16 -4.20 14.59
CA LEU A 169 -23.56 -3.83 14.60
C LEU A 169 -24.45 -4.96 14.10
N VAL A 170 -24.02 -5.67 13.05
CA VAL A 170 -24.86 -6.72 12.48
C VAL A 170 -25.00 -7.89 13.45
N TRP A 171 -23.92 -8.23 14.16
CA TRP A 171 -24.04 -9.25 15.20
C TRP A 171 -25.08 -8.86 16.24
N LEU A 172 -25.05 -7.60 16.69
CA LEU A 172 -26.01 -7.16 17.69
C LEU A 172 -27.44 -7.23 17.15
N LEU A 173 -27.63 -6.82 15.89
CA LEU A 173 -28.97 -6.88 15.32
C LEU A 173 -29.48 -8.31 15.25
N ALA A 174 -28.63 -9.25 14.83
CA ALA A 174 -29.02 -10.65 14.80
C ALA A 174 -29.39 -11.13 16.20
N PHE A 175 -28.58 -10.75 17.20
CA PHE A 175 -28.91 -11.07 18.58
C PHE A 175 -30.30 -10.56 18.95
N CYS A 176 -30.62 -9.33 18.55
CA CYS A 176 -31.93 -8.77 18.89
C CYS A 176 -33.06 -9.52 18.19
N VAL A 177 -32.81 -10.02 16.97
CA VAL A 177 -33.89 -10.65 16.22
C VAL A 177 -34.28 -11.98 16.86
N SER A 178 -33.29 -12.73 17.35
CA SER A 178 -33.54 -14.11 17.80
C SER A 178 -34.23 -14.14 19.15
N LEU A 179 -33.87 -13.21 20.03
CA LEU A 179 -34.28 -13.31 21.44
C LEU A 179 -35.78 -13.46 21.64
N PRO A 180 -36.66 -12.74 20.95
CA PRO A 180 -38.08 -12.76 21.34
C PRO A 180 -38.70 -14.15 21.34
N ASP A 181 -38.42 -14.97 20.33
CA ASP A 181 -39.03 -16.29 20.26
C ASP A 181 -38.34 -17.28 21.20
N THR A 182 -37.02 -17.16 21.39
CA THR A 182 -36.32 -18.09 22.27
C THR A 182 -36.85 -18.02 23.69
N TYR A 183 -37.10 -16.82 24.19
CA TYR A 183 -37.59 -16.68 25.56
C TYR A 183 -38.93 -17.37 25.74
N TYR A 184 -39.72 -17.45 24.69
CA TYR A 184 -41.05 -18.07 24.75
C TYR A 184 -40.98 -19.51 24.27
N LEU A 185 -40.25 -20.33 25.04
CA LEU A 185 -40.01 -21.72 24.68
C LEU A 185 -40.11 -22.58 25.94
N LYS A 186 -40.99 -23.59 25.91
CA LYS A 186 -41.11 -24.52 27.02
C LYS A 186 -41.77 -25.79 26.51
N THR A 187 -41.36 -26.93 27.06
CA THR A 187 -41.80 -28.23 26.56
C THR A 187 -43.15 -28.61 27.16
N VAL A 188 -43.71 -29.70 26.62
CA VAL A 188 -44.98 -30.25 27.08
C VAL A 188 -44.88 -31.77 27.02
N THR A 189 -45.86 -32.42 27.63
CA THR A 189 -45.98 -33.88 27.62
C THR A 189 -47.39 -34.24 27.15
N SER A 190 -47.47 -35.09 26.14
CA SER A 190 -48.75 -35.42 25.52
C SER A 190 -48.81 -36.87 25.09
N ASN A 193 -51.19 -39.58 25.54
CA ASN A 193 -50.04 -40.42 25.21
C ASN A 193 -48.91 -40.20 26.20
N ASN A 194 -47.67 -40.43 25.76
CA ASN A 194 -46.53 -40.31 26.66
C ASN A 194 -45.32 -39.64 26.01
N GLU A 195 -45.47 -39.05 24.83
CA GLU A 195 -44.34 -38.44 24.14
C GLU A 195 -43.99 -37.10 24.79
N THR A 196 -43.05 -36.37 24.19
CA THR A 196 -42.63 -35.08 24.69
C THR A 196 -42.24 -34.22 23.49
N TYR A 197 -42.28 -32.90 23.67
CA TYR A 197 -41.95 -31.98 22.60
C TYR A 197 -41.33 -30.72 23.18
N CYS A 198 -40.65 -29.97 22.32
CA CYS A 198 -40.12 -28.64 22.64
C CYS A 198 -40.83 -27.67 21.70
N ARG A 199 -41.96 -27.14 22.16
CA ARG A 199 -42.82 -26.29 21.35
C ARG A 199 -42.95 -24.92 22.02
N SER A 200 -42.90 -23.88 21.20
CA SER A 200 -42.95 -22.52 21.71
C SER A 200 -44.32 -22.21 22.30
N PHE A 201 -44.31 -21.52 23.44
CA PHE A 201 -45.52 -21.07 24.12
C PHE A 201 -45.62 -19.55 23.98
N TYR A 202 -46.78 -19.08 23.55
CA TYR A 202 -46.99 -17.66 23.30
C TYR A 202 -48.19 -17.16 24.10
N PRO A 203 -48.27 -15.85 24.34
CA PRO A 203 -49.30 -15.33 25.24
C PRO A 203 -50.70 -15.78 24.83
N GLU A 204 -51.48 -16.22 25.82
CA GLU A 204 -52.81 -16.75 25.54
C GLU A 204 -53.70 -15.69 24.90
N HIS A 205 -53.61 -14.45 25.37
CA HIS A 205 -54.50 -13.41 24.86
C HIS A 205 -54.15 -12.98 23.44
N SER A 206 -52.94 -13.27 22.97
CA SER A 206 -52.49 -12.82 21.66
C SER A 206 -51.74 -13.94 20.95
N ILE A 207 -52.30 -15.15 20.99
CA ILE A 207 -51.66 -16.29 20.34
C ILE A 207 -51.54 -16.04 18.85
N LYS A 208 -52.65 -15.66 18.20
CA LYS A 208 -52.66 -15.50 16.76
C LYS A 208 -51.64 -14.45 16.33
N GLU A 209 -51.65 -13.28 16.97
CA GLU A 209 -50.75 -12.21 16.57
C GLU A 209 -49.29 -12.61 16.70
N TRP A 210 -48.92 -13.22 17.83
CA TRP A 210 -47.52 -13.57 18.05
C TRP A 210 -47.02 -14.59 17.04
N LEU A 211 -47.80 -15.63 16.76
CA LEU A 211 -47.35 -16.64 15.82
C LEU A 211 -47.14 -16.04 14.43
N ILE A 212 -48.14 -15.32 13.92
CA ILE A 212 -48.01 -14.76 12.57
C ILE A 212 -46.93 -13.69 12.54
N GLY A 213 -46.82 -12.91 13.61
CA GLY A 213 -45.79 -11.87 13.64
C GLY A 213 -44.38 -12.45 13.63
N MET A 214 -44.15 -13.50 14.43
CA MET A 214 -42.86 -14.16 14.41
C MET A 214 -42.52 -14.66 13.01
N GLU A 215 -43.47 -15.32 12.36
CA GLU A 215 -43.17 -15.92 11.06
C GLU A 215 -43.06 -14.87 9.96
N LEU A 216 -43.70 -13.71 10.11
CA LEU A 216 -43.51 -12.64 9.14
C LEU A 216 -42.14 -12.00 9.28
N VAL A 217 -41.70 -11.71 10.50
CA VAL A 217 -40.37 -11.14 10.67
C VAL A 217 -39.31 -12.11 10.15
N SER A 218 -39.61 -13.42 10.18
CA SER A 218 -38.73 -14.39 9.55
C SER A 218 -38.59 -14.15 8.06
N VAL A 219 -39.58 -13.50 7.44
CA VAL A 219 -39.59 -13.32 5.98
C VAL A 219 -39.06 -11.94 5.64
N VAL A 220 -39.70 -10.89 6.18
CA VAL A 220 -39.34 -9.54 5.79
C VAL A 220 -37.89 -9.23 6.13
N LEU A 221 -37.46 -9.62 7.33
CA LEU A 221 -36.08 -9.43 7.76
C LEU A 221 -35.18 -10.60 7.39
N GLY A 222 -35.74 -11.68 6.84
CA GLY A 222 -34.94 -12.84 6.50
C GLY A 222 -34.73 -13.04 5.02
N PHE A 223 -35.76 -12.76 4.22
CA PHE A 223 -35.69 -12.98 2.78
C PHE A 223 -35.93 -11.72 1.98
N ALA A 224 -36.97 -10.95 2.30
CA ALA A 224 -37.37 -9.84 1.45
C ALA A 224 -36.27 -8.79 1.36
N VAL A 225 -35.96 -8.14 2.48
CA VAL A 225 -35.01 -7.02 2.45
C VAL A 225 -33.63 -7.47 1.98
N PRO A 226 -33.03 -8.53 2.53
CA PRO A 226 -31.70 -8.93 2.04
C PRO A 226 -31.67 -9.23 0.56
N PHE A 227 -32.68 -9.94 0.04
CA PHE A 227 -32.68 -10.28 -1.39
C PHE A 227 -32.81 -9.03 -2.25
N SER A 228 -33.72 -8.13 -1.89
CA SER A 228 -33.91 -6.91 -2.68
C SER A 228 -32.62 -6.10 -2.77
N ILE A 229 -31.98 -5.86 -1.62
CA ILE A 229 -30.76 -5.06 -1.63
C ILE A 229 -29.67 -5.74 -2.44
N ILE A 230 -29.50 -7.06 -2.24
CA ILE A 230 -28.44 -7.78 -2.94
C ILE A 230 -28.66 -7.72 -4.44
N ALA A 231 -29.89 -7.96 -4.90
CA ALA A 231 -30.16 -7.95 -6.33
C ALA A 231 -29.90 -6.58 -6.94
N VAL A 232 -30.41 -5.53 -6.31
CA VAL A 232 -30.26 -4.19 -6.86
C VAL A 232 -28.77 -3.81 -6.95
N PHE A 233 -28.02 -4.06 -5.89
CA PHE A 233 -26.63 -3.59 -5.85
C PHE A 233 -25.75 -4.37 -6.83
N TYR A 234 -26.01 -5.66 -7.02
CA TYR A 234 -25.20 -6.41 -7.97
C TYR A 234 -25.55 -6.06 -9.41
N PHE A 235 -26.81 -5.71 -9.69
CA PHE A 235 -27.13 -5.20 -11.01
C PHE A 235 -26.40 -3.89 -11.27
N LEU A 236 -26.35 -3.00 -10.29
CA LEU A 236 -25.60 -1.76 -10.44
C LEU A 236 -24.11 -2.02 -10.63
N LEU A 237 -23.58 -3.01 -9.92
CA LEU A 237 -22.18 -3.38 -10.11
C LEU A 237 -21.94 -3.86 -11.53
N ALA A 238 -22.85 -4.65 -12.07
CA ALA A 238 -22.71 -5.12 -13.45
C ALA A 238 -22.67 -3.95 -14.41
N ARG A 239 -23.57 -2.98 -14.24
CA ARG A 239 -23.56 -1.79 -15.09
C ARG A 239 -22.24 -1.05 -14.96
N ALA A 240 -21.80 -0.81 -13.72
CA ALA A 240 -20.58 -0.03 -13.50
C ALA A 240 -19.36 -0.72 -14.09
N ILE A 241 -19.23 -2.03 -13.87
CA ILE A 241 -18.07 -2.74 -14.39
C ILE A 241 -18.11 -2.79 -15.91
N SER A 242 -19.31 -2.90 -16.48
CA SER A 242 -19.43 -2.88 -17.94
C SER A 242 -18.96 -1.55 -18.50
N ALA A 243 -19.29 -0.44 -17.83
CA ALA A 243 -18.88 0.87 -18.32
C ALA A 243 -17.36 0.98 -18.40
N SER A 244 -16.66 0.48 -17.38
CA SER A 244 -15.20 0.54 -17.39
C SER A 244 -14.64 -0.48 -18.38
N SER A 245 -13.75 -0.04 -19.26
CA SER A 245 -13.17 -0.93 -20.25
C SER A 245 -12.17 -1.88 -19.61
N ASP A 246 -11.28 -1.37 -18.75
CA ASP A 246 -10.22 -2.20 -18.21
C ASP A 246 -10.78 -3.30 -17.31
N GLN A 247 -11.76 -2.98 -16.47
CA GLN A 247 -12.21 -3.95 -15.47
C GLN A 247 -12.84 -5.18 -16.10
N GLU A 248 -13.52 -5.02 -17.24
CA GLU A 248 -14.31 -6.11 -17.79
C GLU A 248 -13.43 -7.32 -18.12
N LYS A 249 -12.26 -7.08 -18.72
CA LYS A 249 -11.44 -8.18 -19.22
C LYS A 249 -11.09 -9.16 -18.10
N HIS A 250 -10.55 -8.65 -17.00
CA HIS A 250 -10.05 -9.53 -15.95
C HIS A 250 -11.19 -10.20 -15.19
N SER A 251 -12.24 -9.45 -14.87
CA SER A 251 -13.38 -10.01 -14.18
C SER A 251 -14.32 -10.68 -15.18
N SER A 252 -15.46 -11.17 -14.67
CA SER A 252 -16.45 -11.82 -15.50
C SER A 252 -17.83 -11.30 -15.14
N ARG A 253 -18.75 -11.37 -16.09
CA ARG A 253 -20.11 -10.90 -15.89
C ARG A 253 -21.09 -12.03 -15.57
N LYS A 254 -20.60 -13.26 -15.45
CA LYS A 254 -21.48 -14.38 -15.14
C LYS A 254 -21.56 -14.66 -13.65
N ILE A 255 -20.42 -14.59 -12.96
CA ILE A 255 -20.42 -14.84 -11.52
C ILE A 255 -21.27 -13.82 -10.80
N ILE A 256 -21.32 -12.58 -11.32
CA ILE A 256 -22.08 -11.53 -10.65
C ILE A 256 -23.56 -11.89 -10.59
N PHE A 257 -24.11 -12.38 -11.70
CA PHE A 257 -25.49 -12.82 -11.71
C PHE A 257 -25.66 -14.16 -10.99
N SER A 258 -24.61 -14.98 -10.99
CA SER A 258 -24.71 -16.28 -10.32
C SER A 258 -24.97 -16.11 -8.83
N TYR A 259 -24.37 -15.10 -8.20
CA TYR A 259 -24.64 -14.83 -6.79
C TYR A 259 -26.13 -14.78 -6.50
N VAL A 260 -26.84 -13.90 -7.20
CA VAL A 260 -28.27 -13.72 -6.93
C VAL A 260 -29.04 -14.99 -7.23
N VAL A 261 -28.72 -15.67 -8.34
CA VAL A 261 -29.47 -16.86 -8.73
C VAL A 261 -29.33 -17.95 -7.67
N VAL A 262 -28.12 -18.18 -7.20
CA VAL A 262 -27.91 -19.23 -6.20
C VAL A 262 -28.65 -18.90 -4.91
N PHE A 263 -28.56 -17.65 -4.46
CA PHE A 263 -29.25 -17.26 -3.25
C PHE A 263 -30.75 -17.48 -3.38
N LEU A 264 -31.33 -17.06 -4.51
CA LEU A 264 -32.76 -17.22 -4.72
C LEU A 264 -33.17 -18.69 -4.69
N VAL A 265 -32.49 -19.52 -5.47
CA VAL A 265 -32.88 -20.93 -5.58
C VAL A 265 -32.78 -21.62 -4.22
N CYS A 266 -31.78 -21.26 -3.42
CA CYS A 266 -31.59 -21.94 -2.14
C CYS A 266 -32.58 -21.48 -1.08
N TRP A 267 -32.99 -20.22 -1.10
CA TRP A 267 -33.78 -19.66 0.00
C TRP A 267 -35.23 -19.38 -0.37
N LEU A 268 -35.63 -19.60 -1.63
CA LEU A 268 -37.01 -19.35 -2.00
C LEU A 268 -37.92 -20.50 -1.54
N PRO A 269 -37.61 -21.75 -1.89
CA PRO A 269 -38.59 -22.82 -1.63
C PRO A 269 -39.03 -22.91 -0.18
N TYR A 270 -38.10 -22.75 0.77
CA TYR A 270 -38.47 -22.84 2.18
C TYR A 270 -39.47 -21.76 2.55
N HIS A 271 -39.22 -20.51 2.15
CA HIS A 271 -40.08 -19.42 2.58
C HIS A 271 -41.45 -19.46 1.90
N VAL A 272 -41.49 -19.83 0.62
CA VAL A 272 -42.78 -19.93 -0.05
C VAL A 272 -43.62 -21.02 0.59
N ALA A 273 -43.00 -22.17 0.90
CA ALA A 273 -43.75 -23.25 1.54
C ALA A 273 -44.27 -22.83 2.91
N VAL A 274 -43.44 -22.14 3.70
CA VAL A 274 -43.87 -21.74 5.03
C VAL A 274 -44.99 -20.71 4.95
N LEU A 275 -44.88 -19.76 4.01
CA LEU A 275 -45.95 -18.78 3.84
C LEU A 275 -47.24 -19.45 3.41
N LEU A 276 -47.14 -20.45 2.52
CA LEU A 276 -48.33 -21.19 2.11
C LEU A 276 -48.97 -21.89 3.31
N ASP A 277 -48.15 -22.50 4.17
CA ASP A 277 -48.69 -23.15 5.36
C ASP A 277 -49.36 -22.14 6.28
N ILE A 278 -48.79 -20.95 6.41
CA ILE A 278 -49.40 -19.93 7.26
C ILE A 278 -50.79 -19.57 6.75
N PHE A 279 -50.94 -19.42 5.44
CA PHE A 279 -52.27 -19.19 4.88
C PHE A 279 -53.21 -20.33 5.23
N SER A 280 -52.70 -21.57 5.19
CA SER A 280 -53.53 -22.71 5.53
C SER A 280 -53.99 -22.64 6.98
N ILE A 281 -53.11 -22.20 7.88
CA ILE A 281 -53.46 -22.14 9.30
C ILE A 281 -54.67 -21.23 9.51
N LEU A 282 -54.71 -20.11 8.79
CA LEU A 282 -55.82 -19.17 8.90
C LEU A 282 -57.10 -19.68 8.25
N HIS A 283 -57.12 -20.91 7.75
CA HIS A 283 -58.31 -21.54 7.18
C HIS A 283 -58.74 -20.91 5.86
N TYR A 284 -57.83 -20.20 5.19
CA TYR A 284 -58.13 -19.66 3.86
C TYR A 284 -58.21 -20.74 2.79
N ILE A 285 -57.82 -21.98 3.09
CA ILE A 285 -57.82 -23.05 2.11
C ILE A 285 -58.55 -24.25 2.69
N PRO A 286 -59.27 -25.04 1.88
CA PRO A 286 -59.91 -26.24 2.43
C PRO A 286 -58.88 -27.21 2.98
N PHE A 287 -59.28 -27.97 3.99
CA PHE A 287 -58.42 -28.93 4.65
C PHE A 287 -58.69 -30.33 4.11
N THR A 288 -57.62 -31.07 3.86
CA THR A 288 -57.73 -32.44 3.37
C THR A 288 -56.47 -33.20 3.77
N CYS A 289 -56.61 -34.52 3.85
CA CYS A 289 -55.49 -35.35 4.28
C CYS A 289 -54.32 -35.22 3.33
N ARG A 290 -54.57 -35.24 2.02
CA ARG A 290 -53.49 -35.07 1.06
C ARG A 290 -52.77 -33.75 1.27
N LEU A 291 -53.53 -32.68 1.53
CA LEU A 291 -52.92 -31.37 1.78
C LEU A 291 -51.96 -31.45 2.96
N GLU A 292 -52.40 -32.05 4.07
CA GLU A 292 -51.55 -32.11 5.26
C GLU A 292 -50.26 -32.87 4.99
N HIS A 293 -50.38 -34.04 4.35
CA HIS A 293 -49.20 -34.83 4.04
C HIS A 293 -48.24 -34.06 3.14
N ALA A 294 -48.77 -33.41 2.10
CA ALA A 294 -47.92 -32.68 1.16
C ALA A 294 -47.18 -31.54 1.86
N LEU A 295 -47.89 -30.78 2.68
CA LEU A 295 -47.24 -29.67 3.38
C LEU A 295 -46.15 -30.15 4.32
N PHE A 296 -46.41 -31.23 5.06
CA PHE A 296 -45.39 -31.74 5.98
C PHE A 296 -44.11 -32.12 5.23
N THR A 297 -44.25 -32.96 4.21
CA THR A 297 -43.07 -33.39 3.47
C THR A 297 -42.40 -32.22 2.77
N ALA A 298 -43.19 -31.32 2.18
CA ALA A 298 -42.63 -30.17 1.50
C ALA A 298 -41.86 -29.27 2.45
N LEU A 299 -42.40 -29.02 3.64
CA LEU A 299 -41.72 -28.19 4.60
C LEU A 299 -40.36 -28.77 4.98
N HIS A 300 -40.32 -30.08 5.25
CA HIS A 300 -39.07 -30.71 5.63
C HIS A 300 -38.05 -30.62 4.50
N VAL A 301 -38.47 -30.93 3.27
CA VAL A 301 -37.53 -30.95 2.15
C VAL A 301 -36.96 -29.56 1.90
N THR A 302 -37.81 -28.53 1.92
CA THR A 302 -37.33 -27.18 1.62
C THR A 302 -36.43 -26.64 2.73
N GLN A 303 -36.65 -27.05 3.97
CA GLN A 303 -35.71 -26.70 5.04
C GLN A 303 -34.35 -27.30 4.78
N CYS A 304 -34.29 -28.52 4.27
CA CYS A 304 -33.02 -29.14 3.93
C CYS A 304 -32.25 -28.29 2.92
N LEU A 305 -32.93 -27.77 1.91
CA LEU A 305 -32.27 -26.90 0.95
C LEU A 305 -31.73 -25.63 1.61
N SER A 306 -32.49 -25.06 2.54
CA SER A 306 -32.04 -23.85 3.22
C SER A 306 -30.73 -24.06 3.96
N LEU A 307 -30.47 -25.28 4.44
CA LEU A 307 -29.15 -25.56 5.01
C LEU A 307 -28.09 -25.71 3.93
N VAL A 308 -28.46 -26.30 2.79
CA VAL A 308 -27.50 -26.42 1.69
C VAL A 308 -26.94 -25.06 1.31
N HIS A 309 -27.72 -24.00 1.53
CA HIS A 309 -27.22 -22.65 1.26
C HIS A 309 -25.89 -22.41 1.96
N CYS A 310 -25.80 -22.80 3.24
CA CYS A 310 -24.58 -22.55 4.00
C CYS A 310 -23.40 -23.35 3.45
N CYS A 311 -23.65 -24.57 2.99
CA CYS A 311 -22.57 -25.36 2.39
C CYS A 311 -22.07 -24.72 1.10
N VAL A 312 -22.97 -24.18 0.29
CA VAL A 312 -22.57 -23.63 -1.01
C VAL A 312 -21.99 -22.23 -0.89
N ASN A 313 -22.25 -21.52 0.21
CA ASN A 313 -21.77 -20.15 0.32
C ASN A 313 -20.26 -20.03 0.18
N PRO A 314 -19.43 -20.76 0.93
CA PRO A 314 -17.98 -20.53 0.84
C PRO A 314 -17.41 -20.78 -0.54
N VAL A 315 -17.86 -21.82 -1.24
CA VAL A 315 -17.31 -22.13 -2.56
C VAL A 315 -17.56 -20.98 -3.53
N LEU A 316 -18.72 -20.32 -3.43
CA LEU A 316 -19.02 -19.21 -4.33
C LEU A 316 -18.18 -17.99 -4.00
N TYR A 317 -17.98 -17.69 -2.72
CA TYR A 317 -17.42 -16.41 -2.32
C TYR A 317 -15.91 -16.41 -2.16
N SER A 318 -15.29 -17.58 -1.96
CA SER A 318 -13.85 -17.65 -1.75
C SER A 318 -13.14 -18.51 -2.78
N PHE A 319 -13.64 -19.72 -3.05
CA PHE A 319 -12.88 -20.67 -3.84
C PHE A 319 -12.65 -20.17 -5.26
N ILE A 320 -13.53 -19.30 -5.76
CA ILE A 320 -13.41 -18.84 -7.14
C ILE A 320 -12.20 -17.93 -7.31
N ASN A 321 -11.94 -17.07 -6.32
CA ASN A 321 -10.86 -16.10 -6.44
C ASN A 321 -9.54 -16.79 -6.72
N ARG A 322 -8.84 -16.33 -7.76
CA ARG A 322 -7.56 -16.93 -8.11
C ARG A 322 -6.56 -16.75 -6.98
N ASN A 323 -6.53 -15.58 -6.35
CA ASN A 323 -5.62 -15.36 -5.23
C ASN A 323 -5.86 -16.37 -4.11
N TYR A 324 -7.12 -16.64 -3.79
CA TYR A 324 -7.41 -17.60 -2.73
C TYR A 324 -6.91 -18.99 -3.08
N ARG A 325 -7.14 -19.43 -4.33
CA ARG A 325 -6.67 -20.75 -4.73
C ARG A 325 -5.15 -20.85 -4.63
N TYR A 326 -4.46 -19.83 -5.14
CA TYR A 326 -3.00 -19.85 -5.08
C TYR A 326 -2.52 -19.77 -3.63
N GLU A 327 -3.18 -18.95 -2.81
CA GLU A 327 -2.81 -18.86 -1.40
C GLU A 327 -2.99 -20.19 -0.70
N LEU A 328 -4.10 -20.87 -0.98
CA LEU A 328 -4.31 -22.21 -0.43
C LEU A 328 -3.23 -23.17 -0.93
N MET A 329 -2.86 -23.08 -2.21
CA MET A 329 -1.86 -23.98 -2.77
C MET A 329 -0.54 -23.85 -2.04
N LYS A 330 -0.16 -22.63 -1.65
CA LYS A 330 1.08 -22.44 -0.89
C LYS A 330 0.85 -22.68 0.60
N ALA A 331 -0.12 -23.50 0.94
CA ALA A 331 -0.36 -23.89 2.33
C ALA A 331 -1.61 -24.75 2.44
N GLU B 4 -2.75 -1.28 -21.46
CA GLU B 4 -2.47 -0.08 -22.26
C GLU B 4 -2.93 1.18 -21.53
N VAL B 5 -2.09 1.68 -20.64
CA VAL B 5 -2.39 2.87 -19.84
C VAL B 5 -1.31 3.91 -20.10
N GLN B 6 -1.73 5.12 -20.44
CA GLN B 6 -0.80 6.21 -20.70
C GLN B 6 -1.35 7.49 -20.09
N LEU B 7 -0.55 8.14 -19.25
CA LEU B 7 -0.91 9.40 -18.62
C LEU B 7 0.05 10.48 -19.08
N VAL B 8 -0.49 11.62 -19.48
CA VAL B 8 0.29 12.76 -19.96
C VAL B 8 -0.20 14.00 -19.25
N GLU B 9 0.74 14.78 -18.70
CA GLU B 9 0.42 16.03 -18.05
C GLU B 9 0.46 17.17 -19.06
N SER B 10 -0.02 18.34 -18.62
CA SER B 10 0.04 19.55 -19.44
C SER B 10 -0.08 20.76 -18.52
N GLY B 11 0.38 21.89 -19.02
CA GLY B 11 0.36 23.12 -18.25
C GLY B 11 1.59 23.26 -17.37
N GLY B 12 2.20 24.44 -17.38
CA GLY B 12 3.41 24.67 -16.61
C GLY B 12 4.04 25.99 -16.97
N GLY B 13 5.35 26.07 -16.75
CA GLY B 13 6.10 27.28 -17.03
C GLY B 13 6.15 28.21 -15.83
N LEU B 14 7.01 29.23 -15.96
CA LEU B 14 7.21 30.16 -14.87
C LEU B 14 5.95 30.97 -14.61
N VAL B 15 5.79 31.38 -13.35
CA VAL B 15 4.64 32.18 -12.93
C VAL B 15 5.09 33.13 -11.83
N GLN B 16 4.55 34.34 -11.84
CA GLN B 16 4.92 35.33 -10.85
C GLN B 16 4.52 34.85 -9.45
N PRO B 17 5.26 35.25 -8.42
CA PRO B 17 4.90 34.81 -7.06
C PRO B 17 3.51 35.27 -6.68
N GLY B 18 2.81 34.43 -5.94
CA GLY B 18 1.46 34.73 -5.51
C GLY B 18 0.49 34.79 -6.69
N GLY B 19 0.35 33.66 -7.39
CA GLY B 19 -0.55 33.55 -8.51
C GLY B 19 -1.41 32.31 -8.40
N SER B 20 -1.77 31.76 -9.55
CA SER B 20 -2.58 30.55 -9.60
C SER B 20 -2.22 29.76 -10.84
N LEU B 21 -2.33 28.43 -10.73
CA LEU B 21 -2.04 27.52 -11.82
C LEU B 21 -3.17 26.50 -11.94
N ARG B 22 -3.33 25.95 -13.15
CA ARG B 22 -4.32 24.91 -13.40
C ARG B 22 -3.64 23.83 -14.24
N LEU B 23 -3.20 22.76 -13.59
CA LEU B 23 -2.56 21.65 -14.27
C LEU B 23 -3.61 20.62 -14.67
N SER B 24 -3.35 19.95 -15.80
CA SER B 24 -4.27 18.97 -16.36
C SER B 24 -3.54 17.66 -16.59
N CYS B 25 -4.13 16.56 -16.13
CA CYS B 25 -3.61 15.21 -16.31
C CYS B 25 -4.66 14.41 -17.06
N ALA B 26 -4.47 14.23 -18.36
CA ALA B 26 -5.42 13.51 -19.20
C ALA B 26 -5.04 12.03 -19.23
N ALA B 27 -5.98 11.17 -18.84
CA ALA B 27 -5.78 9.74 -18.79
C ALA B 27 -6.47 9.09 -19.99
N SER B 28 -5.74 8.22 -20.69
CA SER B 28 -6.27 7.54 -21.87
C SER B 28 -6.01 6.05 -21.75
N GLY B 29 -6.85 5.27 -22.43
CA GLY B 29 -6.71 3.84 -22.45
C GLY B 29 -7.40 3.09 -21.34
N PHE B 30 -8.03 3.80 -20.40
CA PHE B 30 -8.74 3.14 -19.32
C PHE B 30 -9.68 4.14 -18.66
N ASN B 31 -10.88 3.68 -18.31
CA ASN B 31 -11.85 4.54 -17.65
C ASN B 31 -11.29 4.99 -16.30
N ILE B 32 -11.61 6.22 -15.91
CA ILE B 32 -11.00 6.82 -14.73
C ILE B 32 -11.79 6.58 -13.45
N SER B 33 -13.07 6.22 -13.57
CA SER B 33 -13.92 6.13 -12.38
C SER B 33 -13.38 5.09 -11.39
N SER B 34 -12.95 3.93 -11.89
CA SER B 34 -12.53 2.86 -11.00
C SER B 34 -11.34 3.28 -10.16
N SER B 35 -10.35 3.92 -10.77
CA SER B 35 -9.10 4.24 -10.10
C SER B 35 -9.09 5.70 -9.64
N SER B 36 -8.26 5.96 -8.64
CA SER B 36 -8.05 7.32 -8.15
C SER B 36 -7.01 8.03 -9.02
N ILE B 37 -6.67 9.26 -8.62
CA ILE B 37 -5.61 10.02 -9.25
C ILE B 37 -4.84 10.76 -8.16
N HIS B 38 -3.51 10.73 -8.23
CA HIS B 38 -2.66 11.34 -7.23
C HIS B 38 -1.63 12.23 -7.91
N TRP B 39 -1.25 13.30 -7.21
CA TRP B 39 -0.19 14.20 -7.66
C TRP B 39 0.92 14.20 -6.62
N VAL B 40 2.15 13.99 -7.08
CA VAL B 40 3.31 13.92 -6.20
C VAL B 40 4.34 14.96 -6.66
N ARG B 41 4.93 15.67 -5.71
CA ARG B 41 5.82 16.78 -5.97
C ARG B 41 7.26 16.37 -5.73
N GLN B 42 8.18 17.02 -6.45
CA GLN B 42 9.61 16.70 -6.33
C GLN B 42 10.39 18.00 -6.57
N ALA B 43 10.83 18.62 -5.47
CA ALA B 43 11.68 19.79 -5.59
C ALA B 43 13.06 19.37 -6.11
N PRO B 44 13.79 20.29 -6.75
CA PRO B 44 15.10 19.92 -7.29
C PRO B 44 16.02 19.37 -6.22
N GLY B 45 16.67 18.25 -6.53
CA GLY B 45 17.63 17.65 -5.62
C GLY B 45 17.07 17.34 -4.26
N LYS B 46 15.87 16.75 -4.21
CA LYS B 46 15.23 16.44 -2.94
C LYS B 46 14.27 15.28 -3.13
N GLY B 47 13.87 14.69 -2.01
CA GLY B 47 12.95 13.57 -2.05
C GLY B 47 11.54 14.00 -2.43
N LEU B 48 10.74 13.00 -2.82
CA LEU B 48 9.38 13.26 -3.25
C LEU B 48 8.51 13.62 -2.04
N GLU B 49 7.25 13.96 -2.33
CA GLU B 49 6.29 14.27 -1.28
C GLU B 49 4.89 14.25 -1.90
N TRP B 50 3.91 13.86 -1.09
CA TRP B 50 2.54 13.77 -1.55
C TRP B 50 1.85 15.13 -1.46
N VAL B 51 0.86 15.32 -2.32
CA VAL B 51 0.14 16.60 -2.39
C VAL B 51 -1.35 16.39 -2.17
N ALA B 52 -1.99 15.63 -3.05
CA ALA B 52 -3.44 15.49 -3.00
C ALA B 52 -3.85 14.27 -3.81
N SER B 53 -5.11 13.89 -3.67
CA SER B 53 -5.69 12.78 -4.42
C SER B 53 -7.18 13.02 -4.58
N ILE B 54 -7.70 12.64 -5.74
CA ILE B 54 -9.10 12.87 -6.09
C ILE B 54 -9.67 11.64 -6.77
N SER B 55 -10.87 11.23 -6.36
CA SER B 55 -11.60 10.17 -7.04
C SER B 55 -12.74 10.78 -7.84
N PRO B 56 -12.68 10.80 -9.16
CA PRO B 56 -13.78 11.40 -9.94
C PRO B 56 -15.13 10.72 -9.71
N SER B 57 -15.15 9.53 -9.14
CA SER B 57 -16.40 8.78 -9.00
C SER B 57 -17.44 9.59 -8.24
N TYR B 58 -17.08 10.10 -7.05
CA TYR B 58 -18.00 10.87 -6.22
C TYR B 58 -17.37 12.14 -5.68
N GLY B 59 -16.16 12.49 -6.13
CA GLY B 59 -15.55 13.75 -5.76
C GLY B 59 -14.85 13.78 -4.42
N TYR B 60 -14.78 12.66 -3.71
CA TYR B 60 -14.03 12.63 -2.46
C TYR B 60 -12.58 13.02 -2.72
N THR B 61 -12.03 13.86 -1.85
CA THR B 61 -10.69 14.39 -2.03
C THR B 61 -9.93 14.34 -0.70
N SER B 62 -8.66 14.72 -0.76
CA SER B 62 -7.81 14.82 0.42
C SER B 62 -6.67 15.78 0.08
N TYR B 63 -5.88 16.10 1.10
CA TYR B 63 -4.79 17.06 0.91
C TYR B 63 -3.70 16.79 1.94
N ALA B 64 -2.51 17.32 1.65
CA ALA B 64 -1.38 17.26 2.56
C ALA B 64 -1.36 18.50 3.43
N ASP B 65 -1.07 18.31 4.72
CA ASP B 65 -1.14 19.41 5.67
C ASP B 65 -0.30 20.60 5.22
N SER B 66 0.83 20.35 4.57
CA SER B 66 1.72 21.44 4.18
C SER B 66 1.01 22.44 3.28
N VAL B 67 0.04 21.99 2.49
CA VAL B 67 -0.61 22.85 1.51
C VAL B 67 -2.13 22.82 1.72
N LYS B 68 -2.56 22.58 2.95
CA LYS B 68 -3.99 22.51 3.23
C LYS B 68 -4.67 23.82 2.88
N GLY B 69 -5.71 23.74 2.06
CA GLY B 69 -6.55 24.88 1.75
C GLY B 69 -6.11 25.70 0.55
N ARG B 70 -4.87 25.54 0.10
CA ARG B 70 -4.36 26.33 -1.01
C ARG B 70 -4.62 25.67 -2.37
N PHE B 71 -5.10 24.44 -2.39
CA PHE B 71 -5.31 23.71 -3.64
C PHE B 71 -6.74 23.20 -3.70
N THR B 72 -7.32 23.24 -4.91
CA THR B 72 -8.66 22.72 -5.16
C THR B 72 -8.54 21.71 -6.30
N ILE B 73 -8.22 20.46 -5.95
CA ILE B 73 -8.15 19.40 -6.94
C ILE B 73 -9.55 19.07 -7.43
N SER B 74 -9.73 19.09 -8.75
CA SER B 74 -11.04 18.91 -9.36
C SER B 74 -10.97 17.80 -10.40
N ALA B 75 -12.08 17.08 -10.53
CA ALA B 75 -12.20 15.96 -11.46
C ALA B 75 -13.39 16.18 -12.37
N ASP B 76 -13.30 15.61 -13.57
CA ASP B 76 -14.36 15.72 -14.59
C ASP B 76 -14.46 14.36 -15.27
N THR B 77 -15.36 13.52 -14.79
CA THR B 77 -15.51 12.18 -15.35
C THR B 77 -15.99 12.22 -16.80
N SER B 78 -16.53 13.35 -17.26
CA SER B 78 -17.03 13.43 -18.62
C SER B 78 -15.92 13.11 -19.63
N LYS B 79 -14.75 13.73 -19.45
CA LYS B 79 -13.61 13.50 -20.33
C LYS B 79 -12.50 12.75 -19.61
N ASN B 80 -12.86 11.94 -18.62
CA ASN B 80 -11.92 11.11 -17.86
C ASN B 80 -10.59 11.83 -17.63
N THR B 81 -10.69 13.05 -17.12
CA THR B 81 -9.54 13.91 -16.90
C THR B 81 -9.54 14.39 -15.45
N ALA B 82 -8.35 14.76 -14.98
CA ALA B 82 -8.16 15.28 -13.63
C ALA B 82 -7.55 16.67 -13.72
N TYR B 83 -8.04 17.58 -12.88
CA TYR B 83 -7.60 18.96 -12.87
C TYR B 83 -7.13 19.34 -11.47
N LEU B 84 -6.03 20.08 -11.39
CA LEU B 84 -5.47 20.57 -10.13
C LEU B 84 -5.28 22.07 -10.26
N GLN B 85 -5.96 22.83 -9.40
CA GLN B 85 -5.90 24.28 -9.40
C GLN B 85 -5.06 24.75 -8.23
N MET B 86 -4.10 25.61 -8.51
CA MET B 86 -3.20 26.15 -7.50
C MET B 86 -3.55 27.61 -7.23
N ASN B 87 -3.25 28.07 -6.01
CA ASN B 87 -3.50 29.44 -5.62
C ASN B 87 -2.47 29.87 -4.58
N SER B 88 -2.26 31.18 -4.50
CA SER B 88 -1.33 31.76 -3.53
C SER B 88 0.04 31.09 -3.62
N LEU B 89 0.52 30.94 -4.85
CA LEU B 89 1.81 30.29 -5.08
C LEU B 89 2.92 31.07 -4.39
N ARG B 90 3.79 30.35 -3.67
CA ARG B 90 4.94 30.92 -3.00
C ARG B 90 6.21 30.37 -3.63
N ALA B 91 7.33 31.01 -3.33
CA ALA B 91 8.61 30.61 -3.91
C ALA B 91 9.21 29.43 -3.13
N GLU B 92 8.40 28.38 -2.93
CA GLU B 92 8.88 27.15 -2.35
C GLU B 92 8.30 25.91 -3.02
N ASP B 93 7.48 26.06 -4.05
CA ASP B 93 6.88 24.94 -4.76
C ASP B 93 7.61 24.61 -6.05
N THR B 94 8.73 25.28 -6.33
CA THR B 94 9.51 24.98 -7.53
C THR B 94 9.82 23.49 -7.56
N ALA B 95 9.26 22.77 -8.54
CA ALA B 95 9.37 21.32 -8.58
C ALA B 95 8.79 20.84 -9.91
N VAL B 96 8.76 19.52 -10.07
CA VAL B 96 8.13 18.86 -11.20
C VAL B 96 7.00 18.00 -10.64
N TYR B 97 5.85 18.03 -11.33
CA TYR B 97 4.64 17.37 -10.85
C TYR B 97 4.33 16.17 -11.74
N TYR B 98 4.25 15.00 -11.13
CA TYR B 98 3.82 13.77 -11.81
C TYR B 98 2.43 13.40 -11.32
N CYS B 99 1.53 13.09 -12.24
CA CYS B 99 0.22 12.58 -11.91
C CYS B 99 0.23 11.07 -12.06
N ALA B 100 -0.07 10.36 -10.98
CA ALA B 100 0.05 8.92 -10.91
C ALA B 100 -1.26 8.28 -10.52
N ARG B 101 -1.54 7.11 -11.09
CA ARG B 101 -2.76 6.37 -10.83
C ARG B 101 -2.54 5.38 -9.70
N VAL B 102 -3.63 5.02 -9.03
CA VAL B 102 -3.65 3.94 -8.05
C VAL B 102 -4.87 3.11 -8.38
N SER B 103 -4.67 2.03 -9.14
CA SER B 103 -5.78 1.22 -9.60
C SER B 103 -6.38 0.41 -8.46
N TYR B 104 -7.63 -0.01 -8.65
CA TYR B 104 -8.34 -0.91 -7.73
C TYR B 104 -9.03 -1.97 -8.58
N TRP B 105 -8.35 -3.10 -8.76
CA TRP B 105 -8.94 -4.20 -9.49
C TRP B 105 -10.22 -4.67 -8.81
N ASP B 106 -11.00 -5.50 -9.52
CA ASP B 106 -12.23 -6.03 -8.99
C ASP B 106 -12.34 -7.55 -9.04
N TRP B 107 -11.59 -8.22 -9.93
CA TRP B 107 -11.62 -9.67 -9.96
C TRP B 107 -11.04 -10.28 -8.69
N THR B 108 -10.34 -9.49 -7.87
CA THR B 108 -9.90 -9.90 -6.54
C THR B 108 -10.49 -8.90 -5.54
N TRP B 109 -11.70 -9.18 -5.08
CA TRP B 109 -12.39 -8.26 -4.16
C TRP B 109 -12.13 -8.63 -2.71
N GLY B 110 -12.43 -9.86 -2.32
CA GLY B 110 -12.30 -10.25 -0.93
C GLY B 110 -10.87 -10.49 -0.46
N TRP B 111 -9.95 -10.70 -1.39
CA TRP B 111 -8.58 -11.08 -1.07
C TRP B 111 -7.59 -10.23 -1.86
N SER B 112 -7.82 -8.92 -1.88
CA SER B 112 -6.97 -8.00 -2.62
C SER B 112 -5.70 -7.70 -1.82
N LYS B 113 -4.76 -7.03 -2.48
CA LYS B 113 -3.51 -6.62 -1.88
C LYS B 113 -3.43 -5.10 -1.85
N TYR B 114 -2.86 -4.57 -0.78
CA TYR B 114 -2.69 -3.12 -0.66
C TYR B 114 -1.98 -2.59 -1.90
N GLU B 115 -2.68 -1.80 -2.71
CA GLU B 115 -2.18 -1.41 -4.01
C GLU B 115 -1.20 -0.24 -3.90
N GLY B 116 -0.61 0.12 -5.02
CA GLY B 116 0.33 1.22 -5.09
C GLY B 116 0.21 1.91 -6.43
N MET B 117 1.05 2.92 -6.64
CA MET B 117 1.03 3.69 -7.87
C MET B 117 1.69 2.89 -8.99
N ASP B 118 1.02 2.81 -10.14
CA ASP B 118 1.44 1.94 -11.22
C ASP B 118 1.95 2.71 -12.44
N TYR B 119 1.14 3.61 -12.99
CA TYR B 119 1.48 4.32 -14.21
C TYR B 119 1.72 5.79 -13.90
N TRP B 120 2.88 6.30 -14.32
CA TRP B 120 3.28 7.67 -14.07
C TRP B 120 3.50 8.40 -15.38
N GLY B 121 3.50 9.72 -15.31
CA GLY B 121 3.69 10.57 -16.47
C GLY B 121 5.00 11.33 -16.39
N GLN B 122 5.41 11.89 -17.54
CA GLN B 122 6.64 12.65 -17.60
C GLN B 122 6.60 13.85 -16.65
N GLY B 123 5.42 14.45 -16.49
CA GLY B 123 5.28 15.60 -15.61
C GLY B 123 5.60 16.90 -16.30
N THR B 124 5.42 17.98 -15.55
CA THR B 124 5.67 19.33 -16.04
C THR B 124 6.48 20.10 -15.00
N LEU B 125 7.17 21.13 -15.47
CA LEU B 125 8.06 21.93 -14.64
C LEU B 125 7.39 23.25 -14.28
N VAL B 126 7.34 23.54 -12.98
CA VAL B 126 6.78 24.78 -12.47
C VAL B 126 7.90 25.51 -11.73
N THR B 127 8.19 26.74 -12.15
CA THR B 127 9.29 27.53 -11.58
C THR B 127 8.80 28.95 -11.34
N VAL B 128 8.30 29.20 -10.14
CA VAL B 128 7.81 30.52 -9.78
C VAL B 128 8.99 31.38 -9.35
N SER B 129 9.13 32.54 -10.00
CA SER B 129 10.23 33.45 -9.69
C SER B 129 9.78 34.88 -9.99
N SER B 130 10.47 35.83 -9.37
CA SER B 130 10.16 37.24 -9.50
C SER B 130 11.01 37.95 -10.55
N ALA B 131 11.88 37.22 -11.26
CA ALA B 131 12.76 37.81 -12.25
C ALA B 131 12.24 37.48 -13.66
N SER B 132 12.96 37.99 -14.65
CA SER B 132 12.60 37.78 -16.06
C SER B 132 13.86 37.41 -16.83
N THR B 133 13.72 37.31 -18.15
CA THR B 133 14.84 36.93 -18.99
C THR B 133 15.98 37.93 -18.87
N LYS B 134 17.21 37.41 -18.86
CA LYS B 134 18.40 38.25 -18.72
C LYS B 134 19.63 37.38 -18.91
N GLY B 135 20.73 38.01 -19.28
CA GLY B 135 22.01 37.35 -19.38
C GLY B 135 22.08 36.42 -20.57
N PRO B 136 23.12 35.57 -20.62
CA PRO B 136 24.21 35.41 -19.65
C PRO B 136 25.33 36.42 -19.85
N SER B 137 26.24 36.51 -18.89
CA SER B 137 27.41 37.39 -18.97
C SER B 137 28.65 36.53 -18.83
N VAL B 138 29.21 36.10 -19.97
CA VAL B 138 30.38 35.23 -19.94
C VAL B 138 31.57 35.98 -19.35
N PHE B 139 32.45 35.23 -18.69
CA PHE B 139 33.70 35.77 -18.18
C PHE B 139 34.77 34.70 -18.31
N PRO B 140 36.04 35.10 -18.48
CA PRO B 140 37.10 34.11 -18.67
C PRO B 140 37.68 33.60 -17.36
N LEU B 141 37.97 32.30 -17.34
CA LEU B 141 38.64 31.65 -16.21
C LEU B 141 40.09 31.40 -16.62
N ALA B 142 40.93 32.41 -16.42
CA ALA B 142 42.30 32.32 -16.91
C ALA B 142 43.04 31.19 -16.21
N PRO B 143 43.89 30.45 -16.92
CA PRO B 143 44.70 29.41 -16.26
C PRO B 143 45.85 30.01 -15.45
N SER B 144 46.38 29.20 -14.55
CA SER B 144 47.51 29.62 -13.74
C SER B 144 48.75 29.81 -14.62
N SER B 145 49.67 30.63 -14.12
CA SER B 145 50.91 30.92 -14.83
C SER B 145 51.63 29.63 -15.24
N ALA B 153 47.11 20.95 -17.65
CA ALA B 153 46.66 22.28 -17.27
C ALA B 153 45.15 22.32 -17.13
N ALA B 154 44.65 23.35 -16.44
CA ALA B 154 43.21 23.50 -16.18
C ALA B 154 42.78 24.90 -16.59
N LEU B 155 41.69 24.97 -17.36
CA LEU B 155 41.12 26.25 -17.76
C LEU B 155 39.66 26.02 -18.15
N GLY B 156 38.91 27.11 -18.19
CA GLY B 156 37.50 27.02 -18.49
C GLY B 156 36.86 28.37 -18.67
N CYS B 157 35.53 28.38 -18.55
CA CYS B 157 34.74 29.59 -18.71
C CYS B 157 33.65 29.61 -17.65
N LEU B 158 33.07 30.79 -17.44
CA LEU B 158 32.03 30.97 -16.44
C LEU B 158 30.88 31.77 -17.03
N VAL B 159 29.68 31.47 -16.54
CA VAL B 159 28.47 32.19 -16.91
C VAL B 159 27.71 32.51 -15.63
N LYS B 160 27.20 33.73 -15.53
CA LYS B 160 26.61 34.20 -14.29
C LYS B 160 25.60 35.29 -14.60
N ASP B 161 24.55 35.36 -13.78
CA ASP B 161 23.40 36.24 -14.02
C ASP B 161 22.73 35.92 -15.37
N TYR B 162 22.14 34.73 -15.43
CA TYR B 162 21.29 34.35 -16.54
C TYR B 162 20.01 33.72 -16.00
N PHE B 163 18.96 33.76 -16.82
CA PHE B 163 17.67 33.19 -16.47
C PHE B 163 16.76 33.23 -17.69
N PRO B 164 15.90 32.22 -17.90
CA PRO B 164 15.72 30.97 -17.15
C PRO B 164 16.54 29.79 -17.68
N GLU B 165 16.44 28.63 -17.04
CA GLU B 165 17.08 27.44 -17.54
C GLU B 165 16.41 26.95 -18.82
N PRO B 166 17.11 26.15 -19.62
CA PRO B 166 18.49 25.68 -19.47
C PRO B 166 19.49 26.49 -20.28
N VAL B 167 20.78 26.21 -20.12
CA VAL B 167 21.83 26.89 -20.86
C VAL B 167 22.68 25.84 -21.54
N THR B 168 22.98 26.06 -22.82
CA THR B 168 23.79 25.14 -23.60
C THR B 168 25.20 25.67 -23.71
N VAL B 169 26.18 24.86 -23.36
CA VAL B 169 27.60 25.21 -23.43
C VAL B 169 28.28 24.25 -24.40
N SER B 170 28.95 24.81 -25.40
CA SER B 170 29.72 24.04 -26.36
C SER B 170 31.14 24.59 -26.42
N TRP B 171 32.12 23.68 -26.45
CA TRP B 171 33.52 24.05 -26.40
C TRP B 171 34.12 23.97 -27.79
N ASN B 172 34.62 25.10 -28.29
CA ASN B 172 35.29 25.17 -29.58
C ASN B 172 34.41 24.57 -30.68
N SER B 173 33.15 24.99 -30.71
CA SER B 173 32.20 24.54 -31.72
C SER B 173 32.07 23.02 -31.73
N GLY B 174 32.07 22.42 -30.54
CA GLY B 174 31.94 20.99 -30.40
C GLY B 174 33.18 20.19 -30.70
N ALA B 175 34.31 20.86 -30.96
CA ALA B 175 35.55 20.13 -31.25
C ALA B 175 36.02 19.34 -30.04
N LEU B 176 35.93 19.92 -28.85
CA LEU B 176 36.42 19.30 -27.63
C LEU B 176 35.29 18.57 -26.93
N THR B 177 35.51 17.29 -26.62
CA THR B 177 34.52 16.49 -25.90
C THR B 177 35.15 15.58 -24.85
N SER B 178 36.46 15.65 -24.64
CA SER B 178 37.16 14.78 -23.69
C SER B 178 37.74 15.64 -22.58
N GLY B 179 37.55 15.21 -21.34
CA GLY B 179 38.08 15.93 -20.20
C GLY B 179 37.38 17.23 -19.90
N VAL B 180 36.14 17.38 -20.32
CA VAL B 180 35.35 18.59 -20.11
C VAL B 180 34.22 18.26 -19.14
N HIS B 181 34.10 19.06 -18.09
CA HIS B 181 33.07 18.90 -17.07
C HIS B 181 32.22 20.15 -17.00
N THR B 182 30.91 19.98 -17.10
CA THR B 182 29.95 21.08 -17.00
C THR B 182 29.13 20.87 -15.72
N PHE B 183 29.45 21.65 -14.69
CA PHE B 183 28.82 21.46 -13.40
C PHE B 183 27.33 21.83 -13.47
N PRO B 184 26.50 21.22 -12.63
CA PRO B 184 25.08 21.55 -12.66
C PRO B 184 24.83 23.01 -12.27
N ALA B 185 23.76 23.57 -12.82
CA ALA B 185 23.45 24.98 -12.58
C ALA B 185 23.15 25.21 -11.11
N VAL B 186 23.50 26.41 -10.64
CA VAL B 186 23.29 26.81 -9.26
C VAL B 186 22.47 28.09 -9.24
N LEU B 187 21.68 28.24 -8.17
CA LEU B 187 20.79 29.39 -8.01
C LEU B 187 21.38 30.35 -6.99
N GLN B 188 21.43 31.63 -7.34
CA GLN B 188 21.97 32.65 -6.47
C GLN B 188 20.88 33.25 -5.59
N SER B 189 21.31 33.93 -4.53
CA SER B 189 20.36 34.52 -3.60
C SER B 189 19.51 35.60 -4.27
N SER B 190 20.13 36.42 -5.11
CA SER B 190 19.42 37.54 -5.71
C SER B 190 18.19 37.07 -6.48
N GLY B 191 18.28 35.91 -7.12
CA GLY B 191 17.16 35.38 -7.87
C GLY B 191 17.56 34.87 -9.24
N LEU B 192 18.84 34.99 -9.58
CA LEU B 192 19.38 34.53 -10.85
C LEU B 192 20.21 33.28 -10.62
N TYR B 193 20.65 32.68 -11.73
CA TYR B 193 21.40 31.43 -11.71
C TYR B 193 22.87 31.68 -12.00
N SER B 194 23.67 30.65 -11.78
CA SER B 194 25.10 30.70 -12.08
C SER B 194 25.57 29.30 -12.45
N LEU B 195 26.46 29.23 -13.43
CA LEU B 195 26.95 27.95 -13.93
C LEU B 195 28.39 28.11 -14.38
N SER B 196 29.14 27.01 -14.33
CA SER B 196 30.54 27.00 -14.72
C SER B 196 30.83 25.75 -15.53
N SER B 197 31.84 25.85 -16.40
CA SER B 197 32.28 24.73 -17.20
C SER B 197 33.79 24.84 -17.38
N VAL B 198 34.50 23.73 -17.15
CA VAL B 198 35.96 23.71 -17.18
C VAL B 198 36.42 22.46 -17.88
N VAL B 199 37.47 22.60 -18.70
CA VAL B 199 38.07 21.49 -19.42
C VAL B 199 39.58 21.55 -19.18
N THR B 200 40.17 20.41 -18.85
CA THR B 200 41.61 20.33 -18.62
C THR B 200 42.33 20.06 -19.94
N VAL B 201 43.55 20.59 -20.03
CA VAL B 201 44.38 20.41 -21.21
C VAL B 201 45.80 20.06 -20.77
N PRO B 202 46.56 19.40 -21.63
CA PRO B 202 47.96 19.09 -21.27
C PRO B 202 48.76 20.36 -21.02
N SER B 203 49.71 20.25 -20.09
CA SER B 203 50.53 21.40 -19.74
C SER B 203 51.29 21.93 -20.96
N SER B 204 51.84 21.02 -21.76
CA SER B 204 52.55 21.45 -22.97
C SER B 204 51.59 22.10 -23.95
N SER B 205 50.36 21.59 -24.05
CA SER B 205 49.40 22.14 -25.00
C SER B 205 49.17 23.63 -24.77
N LEU B 206 49.34 24.10 -23.53
CA LEU B 206 49.13 25.50 -23.23
C LEU B 206 50.07 26.36 -24.06
N GLY B 207 49.52 27.41 -24.67
CA GLY B 207 50.29 28.31 -25.51
C GLY B 207 50.39 27.91 -26.96
N THR B 208 49.82 26.77 -27.35
CA THR B 208 49.87 26.28 -28.72
C THR B 208 48.50 26.16 -29.38
N GLN B 209 47.44 25.94 -28.61
CA GLN B 209 46.10 25.79 -29.15
C GLN B 209 45.17 26.79 -28.49
N THR B 210 44.39 27.50 -29.30
CA THR B 210 43.42 28.45 -28.80
C THR B 210 42.12 27.73 -28.47
N TYR B 211 41.62 27.95 -27.26
CA TYR B 211 40.39 27.33 -26.77
C TYR B 211 39.32 28.39 -26.56
N ILE B 212 38.17 28.20 -27.19
CA ILE B 212 37.06 29.15 -27.12
C ILE B 212 35.82 28.39 -26.66
N CYS B 213 35.10 28.97 -25.70
CA CYS B 213 33.88 28.37 -25.17
C CYS B 213 32.68 29.04 -25.84
N ASN B 214 31.84 28.23 -26.47
CA ASN B 214 30.65 28.71 -27.17
C ASN B 214 29.43 28.44 -26.31
N VAL B 215 28.71 29.49 -25.95
CA VAL B 215 27.55 29.41 -25.08
C VAL B 215 26.35 29.97 -25.81
N ASN B 216 25.22 29.27 -25.73
CA ASN B 216 23.98 29.67 -26.35
C ASN B 216 22.85 29.59 -25.33
N HIS B 217 21.86 30.47 -25.49
CA HIS B 217 20.70 30.51 -24.60
C HIS B 217 19.47 30.71 -25.47
N LYS B 218 18.74 29.63 -25.72
CA LYS B 218 17.60 29.69 -26.62
C LYS B 218 16.54 30.67 -26.18
N PRO B 219 16.11 30.71 -24.90
CA PRO B 219 14.99 31.59 -24.53
C PRO B 219 15.23 33.04 -24.91
N SER B 220 16.45 33.54 -24.75
CA SER B 220 16.82 34.88 -25.19
C SER B 220 17.73 34.86 -26.41
N ASN B 221 17.89 33.71 -27.05
CA ASN B 221 18.67 33.51 -28.27
C ASN B 221 19.90 34.43 -28.30
N THR B 222 20.69 34.41 -27.24
CA THR B 222 21.90 35.21 -27.15
C THR B 222 23.11 34.31 -27.40
N LYS B 223 23.96 34.72 -28.34
CA LYS B 223 25.18 34.00 -28.67
C LYS B 223 26.37 34.82 -28.18
N VAL B 224 27.21 34.19 -27.35
CA VAL B 224 28.37 34.84 -26.76
C VAL B 224 29.58 33.93 -26.94
N ASP B 225 30.72 34.53 -27.33
CA ASP B 225 31.96 33.80 -27.50
C ASP B 225 33.09 34.60 -26.87
N LYS B 226 33.82 33.99 -25.95
CA LYS B 226 34.90 34.66 -25.22
C LYS B 226 36.19 33.90 -25.41
N LYS B 227 37.28 34.63 -25.60
CA LYS B 227 38.60 34.04 -25.76
C LYS B 227 39.26 33.87 -24.40
N VAL B 228 40.00 32.77 -24.24
CA VAL B 228 40.68 32.44 -23.00
C VAL B 228 42.17 32.33 -23.28
N GLU B 229 42.97 33.08 -22.52
CA GLU B 229 44.42 33.08 -22.67
C GLU B 229 45.02 33.49 -21.34
N PRO B 230 46.27 33.09 -21.06
CA PRO B 230 46.89 33.40 -19.76
C PRO B 230 46.88 34.88 -19.43
N LYS C 1 -38.29 -20.70 12.01
CA LYS C 1 -37.92 -21.71 13.04
C LYS C 1 -37.68 -23.07 12.41
N PRO C 2 -36.86 -23.91 13.04
CA PRO C 2 -36.75 -25.30 12.57
C PRO C 2 -38.09 -26.00 12.67
N VAL C 3 -38.35 -26.88 11.69
CA VAL C 3 -39.63 -27.56 11.65
C VAL C 3 -39.83 -28.42 12.90
N SER C 4 -38.75 -29.06 13.37
CA SER C 4 -38.87 -29.94 14.53
C SER C 4 -39.45 -29.21 15.73
N LEU C 5 -39.18 -27.91 15.86
CA LEU C 5 -39.72 -27.11 16.96
C LEU C 5 -40.96 -26.34 16.49
N SER C 6 -42.00 -27.11 16.15
CA SER C 6 -43.24 -26.50 15.68
C SER C 6 -44.37 -27.49 15.90
N TYR C 7 -45.60 -26.96 15.92
CA TYR C 7 -46.80 -27.74 16.15
C TYR C 7 -47.71 -27.59 14.93
N ARG C 8 -48.21 -28.72 14.42
CA ARG C 8 -48.95 -28.74 13.16
C ARG C 8 -50.23 -29.55 13.33
N CYS C 9 -51.37 -28.87 13.27
CA CYS C 9 -52.67 -29.50 13.14
C CYS C 9 -53.68 -28.40 12.81
N PRO C 10 -54.93 -28.72 12.42
CA PRO C 10 -55.81 -27.71 11.82
C PRO C 10 -55.72 -26.31 12.40
N CYS C 11 -55.59 -26.17 13.71
CA CYS C 11 -55.48 -24.85 14.30
C CYS C 11 -54.87 -24.95 15.69
N ARG C 12 -54.16 -23.89 16.08
CA ARG C 12 -53.50 -23.81 17.38
C ARG C 12 -54.05 -22.73 18.29
N PHE C 13 -54.82 -21.78 17.75
CA PHE C 13 -55.38 -20.68 18.53
C PHE C 13 -56.89 -20.82 18.60
N PHE C 14 -57.44 -20.56 19.79
CA PHE C 14 -58.87 -20.68 20.04
C PHE C 14 -59.46 -19.31 20.33
N GLU C 15 -60.61 -19.03 19.74
CA GLU C 15 -61.33 -17.79 20.00
C GLU C 15 -62.06 -17.94 21.33
N SER C 16 -61.65 -17.16 22.33
CA SER C 16 -62.19 -17.34 23.68
C SER C 16 -63.69 -17.10 23.72
N HIS C 17 -64.15 -15.99 23.13
CA HIS C 17 -65.55 -15.61 23.17
C HIS C 17 -66.14 -15.74 21.77
N VAL C 18 -67.23 -16.50 21.65
CA VAL C 18 -67.89 -16.76 20.37
C VAL C 18 -69.38 -16.58 20.55
N ALA C 19 -70.02 -16.01 19.53
CA ALA C 19 -71.47 -15.81 19.56
C ALA C 19 -72.17 -17.11 19.19
N ARG C 20 -73.02 -17.60 20.09
CA ARG C 20 -73.70 -18.87 19.85
C ARG C 20 -74.58 -18.81 18.62
N ALA C 21 -75.33 -17.72 18.44
CA ALA C 21 -76.23 -17.62 17.30
C ALA C 21 -75.46 -17.61 15.98
N ASN C 22 -74.34 -16.90 15.94
CA ASN C 22 -73.57 -16.79 14.70
C ASN C 22 -73.01 -18.13 14.25
N VAL C 23 -72.88 -19.10 15.16
CA VAL C 23 -72.35 -20.41 14.79
C VAL C 23 -73.27 -21.03 13.74
N LYS C 24 -72.67 -21.53 12.66
CA LYS C 24 -73.43 -22.07 11.54
C LYS C 24 -72.98 -23.43 11.04
N HIS C 25 -71.73 -23.84 11.30
CA HIS C 25 -71.25 -25.13 10.80
C HIS C 25 -70.00 -25.52 11.57
N LEU C 26 -70.04 -26.68 12.23
CA LEU C 26 -68.93 -27.19 13.01
C LEU C 26 -68.42 -28.49 12.37
N LYS C 27 -67.12 -28.54 12.09
CA LYS C 27 -66.50 -29.71 11.50
C LYS C 27 -65.70 -30.46 12.55
N ILE C 28 -65.96 -31.75 12.69
CA ILE C 28 -65.20 -32.60 13.61
C ILE C 28 -63.88 -32.96 12.93
N LEU C 29 -62.79 -32.39 13.41
CA LEU C 29 -61.46 -32.65 12.88
C LEU C 29 -60.73 -33.64 13.77
N ASN C 30 -60.25 -34.73 13.17
CA ASN C 30 -59.56 -35.79 13.89
C ASN C 30 -58.15 -35.95 13.32
N THR C 31 -57.16 -35.90 14.19
CA THR C 31 -55.76 -36.00 13.80
C THR C 31 -55.03 -36.85 14.82
N PRO C 32 -53.90 -37.45 14.43
CA PRO C 32 -53.14 -38.28 15.38
C PRO C 32 -52.27 -37.50 16.35
N ASN C 33 -52.22 -36.18 16.24
CA ASN C 33 -51.40 -35.34 17.12
C ASN C 33 -52.26 -34.52 18.07
N CYS C 34 -53.18 -33.72 17.55
CA CYS C 34 -54.11 -32.95 18.37
C CYS C 34 -55.41 -33.71 18.64
N ALA C 35 -55.50 -34.97 18.22
CA ALA C 35 -56.61 -35.84 18.57
C ALA C 35 -57.95 -35.24 18.14
N LEU C 36 -58.71 -34.69 19.07
CA LEU C 36 -60.04 -34.15 18.80
C LEU C 36 -59.95 -32.64 18.72
N GLN C 37 -60.26 -32.09 17.55
CA GLN C 37 -60.26 -30.66 17.33
C GLN C 37 -61.52 -30.28 16.55
N ILE C 38 -62.03 -29.09 16.83
CA ILE C 38 -63.31 -28.63 16.29
C ILE C 38 -63.07 -27.36 15.47
N VAL C 39 -63.61 -27.34 14.26
CA VAL C 39 -63.50 -26.20 13.36
C VAL C 39 -64.92 -25.70 13.08
N ALA C 40 -65.12 -24.40 13.25
CA ALA C 40 -66.43 -23.78 13.08
C ALA C 40 -66.41 -22.84 11.88
N ARG C 41 -67.53 -22.15 11.67
CA ARG C 41 -67.66 -21.16 10.62
C ARG C 41 -68.74 -20.18 11.03
N LEU C 42 -68.33 -18.96 11.38
CA LEU C 42 -69.28 -17.95 11.84
C LEU C 42 -69.93 -17.26 10.66
N LYS C 43 -71.25 -17.09 10.73
CA LYS C 43 -71.97 -16.39 9.67
C LYS C 43 -71.69 -14.89 9.66
N ASN C 44 -71.25 -14.33 10.78
CA ASN C 44 -70.98 -12.90 10.84
C ASN C 44 -69.89 -12.50 9.86
N ASN C 45 -68.82 -13.28 9.80
CA ASN C 45 -67.72 -13.04 8.86
C ASN C 45 -67.60 -14.10 7.77
N ASN C 46 -68.30 -15.23 7.91
CA ASN C 46 -68.29 -16.29 6.90
C ASN C 46 -66.86 -16.78 6.63
N ARG C 47 -66.03 -16.81 7.65
CA ARG C 47 -64.67 -17.32 7.55
C ARG C 47 -64.47 -18.38 8.63
N GLN C 48 -63.92 -19.52 8.22
CA GLN C 48 -63.75 -20.63 9.16
C GLN C 48 -62.84 -20.23 10.30
N VAL C 49 -63.20 -20.66 11.51
CA VAL C 49 -62.44 -20.34 12.72
C VAL C 49 -62.71 -21.41 13.75
N CYS C 50 -61.73 -21.61 14.63
CA CYS C 50 -61.81 -22.64 15.67
C CYS C 50 -62.28 -22.04 16.99
N ILE C 51 -62.96 -22.88 17.78
CA ILE C 51 -63.40 -22.52 19.12
C ILE C 51 -62.90 -23.58 20.10
N ASP C 52 -62.64 -23.15 21.33
CA ASP C 52 -62.26 -24.08 22.39
C ASP C 52 -63.30 -25.18 22.48
N PRO C 53 -62.97 -26.42 22.10
CA PRO C 53 -63.99 -27.48 22.11
C PRO C 53 -64.53 -27.79 23.49
N LYS C 54 -63.81 -27.44 24.55
CA LYS C 54 -64.23 -27.76 25.92
C LYS C 54 -65.42 -26.93 26.38
N LEU C 55 -66.00 -26.08 25.54
CA LEU C 55 -67.18 -25.32 25.93
C LEU C 55 -68.35 -26.27 26.21
N LYS C 56 -69.19 -25.88 27.16
CA LYS C 56 -70.24 -26.76 27.64
C LYS C 56 -71.18 -27.17 26.52
N TRP C 57 -71.72 -26.21 25.77
CA TRP C 57 -72.76 -26.52 24.80
C TRP C 57 -72.20 -27.17 23.54
N ILE C 58 -70.90 -27.04 23.28
CA ILE C 58 -70.29 -27.78 22.17
C ILE C 58 -70.43 -29.28 22.42
N GLN C 59 -70.14 -29.73 23.64
CA GLN C 59 -70.35 -31.13 23.97
C GLN C 59 -71.82 -31.50 23.87
N GLU C 60 -72.70 -30.63 24.38
CA GLU C 60 -74.14 -30.90 24.32
C GLU C 60 -74.61 -31.04 22.89
N TYR C 61 -74.17 -30.14 22.01
CA TYR C 61 -74.56 -30.21 20.60
C TYR C 61 -73.84 -31.37 19.91
N LEU C 62 -72.52 -31.47 20.09
CA LEU C 62 -71.75 -32.48 19.38
C LEU C 62 -71.90 -33.85 20.04
N GLU C 63 -71.48 -33.98 21.30
CA GLU C 63 -71.55 -35.25 22.00
C GLU C 63 -72.72 -35.27 22.98
N ASP D 2 0.47 11.83 9.13
CA ASP D 2 1.83 12.34 9.29
C ASP D 2 2.69 11.33 10.05
N ILE D 3 3.27 10.38 9.33
CA ILE D 3 4.11 9.35 9.92
C ILE D 3 5.50 9.49 9.31
N GLN D 4 6.51 9.69 10.16
CA GLN D 4 7.88 9.78 9.70
C GLN D 4 8.36 8.40 9.25
N MET D 5 8.96 8.34 8.07
CA MET D 5 9.47 7.10 7.49
C MET D 5 10.99 7.23 7.38
N THR D 6 11.69 6.89 8.45
CA THR D 6 13.14 6.93 8.44
C THR D 6 13.68 5.84 7.52
N GLN D 7 14.61 6.20 6.65
CA GLN D 7 15.20 5.28 5.69
C GLN D 7 16.72 5.39 5.76
N SER D 8 17.38 4.25 5.87
CA SER D 8 18.83 4.18 5.92
C SER D 8 19.29 2.92 5.22
N PRO D 9 20.53 2.91 4.71
CA PRO D 9 21.51 4.00 4.67
C PRO D 9 21.23 4.99 3.55
N SER D 10 21.62 6.25 3.71
CA SER D 10 21.38 7.23 2.66
C SER D 10 22.19 6.92 1.40
N SER D 11 23.44 6.49 1.57
CA SER D 11 24.33 6.24 0.45
C SER D 11 24.91 4.84 0.56
N LEU D 12 25.30 4.30 -0.59
CA LEU D 12 25.91 2.97 -0.66
C LEU D 12 26.80 2.90 -1.89
N SER D 13 27.66 1.89 -1.91
CA SER D 13 28.56 1.68 -3.04
C SER D 13 28.93 0.21 -3.08
N ALA D 14 28.39 -0.51 -4.07
CA ALA D 14 28.64 -1.94 -4.22
C ALA D 14 29.03 -2.23 -5.66
N SER D 15 30.00 -3.12 -5.82
CA SER D 15 30.45 -3.51 -7.15
C SER D 15 29.36 -4.33 -7.85
N VAL D 16 29.54 -4.53 -9.16
CA VAL D 16 28.55 -5.26 -9.94
C VAL D 16 28.38 -6.66 -9.37
N GLY D 17 27.15 -7.17 -9.41
CA GLY D 17 26.86 -8.51 -8.97
C GLY D 17 27.10 -8.75 -7.49
N ASP D 18 26.63 -7.83 -6.66
CA ASP D 18 26.77 -7.95 -5.21
C ASP D 18 25.41 -7.79 -4.55
N ARG D 19 25.21 -8.52 -3.45
CA ARG D 19 23.98 -8.38 -2.68
C ARG D 19 23.95 -7.04 -1.97
N VAL D 20 22.76 -6.45 -1.88
CA VAL D 20 22.58 -5.17 -1.22
C VAL D 20 21.16 -5.14 -0.64
N THR D 21 21.04 -4.59 0.57
CA THR D 21 19.77 -4.52 1.26
C THR D 21 19.55 -3.10 1.77
N ILE D 22 18.32 -2.61 1.62
CA ILE D 22 17.93 -1.28 2.08
C ILE D 22 16.76 -1.43 3.04
N THR D 23 16.86 -0.78 4.19
CA THR D 23 15.86 -0.88 5.25
C THR D 23 15.12 0.44 5.40
N CYS D 24 13.79 0.36 5.43
CA CYS D 24 12.92 1.51 5.66
C CYS D 24 12.08 1.24 6.89
N ARG D 25 11.98 2.23 7.78
CA ARG D 25 11.31 2.07 9.06
C ARG D 25 10.08 2.97 9.13
N ALA D 26 9.22 2.67 10.09
CA ALA D 26 8.01 3.45 10.34
C ALA D 26 7.88 3.68 11.83
N SER D 27 7.66 4.94 12.22
CA SER D 27 7.54 5.26 13.65
C SER D 27 6.34 4.57 14.26
N GLN D 28 5.20 4.60 13.58
CA GLN D 28 4.00 3.93 14.05
C GLN D 28 3.94 2.53 13.45
N SER D 29 2.81 1.85 13.60
CA SER D 29 2.58 0.55 13.00
C SER D 29 1.66 0.69 11.81
N VAL D 30 2.08 0.15 10.66
CA VAL D 30 1.32 0.20 9.42
C VAL D 30 1.02 -1.23 9.00
N SER D 31 -0.25 -1.49 8.66
CA SER D 31 -0.73 -2.84 8.40
C SER D 31 -0.24 -3.33 7.03
N SER D 32 1.08 -3.47 6.93
CA SER D 32 1.71 -4.07 5.75
C SER D 32 1.21 -3.42 4.46
N ALA D 33 1.29 -2.10 4.40
CA ALA D 33 0.92 -1.33 3.22
C ALA D 33 2.12 -0.48 2.82
N VAL D 34 2.99 -1.04 1.98
CA VAL D 34 4.24 -0.40 1.60
C VAL D 34 4.46 -0.59 0.11
N ALA D 35 5.29 0.28 -0.47
CA ALA D 35 5.74 0.14 -1.85
C ALA D 35 7.22 0.48 -1.90
N TRP D 36 7.81 0.35 -3.08
CA TRP D 36 9.24 0.62 -3.26
C TRP D 36 9.45 1.07 -4.71
N TYR D 37 9.64 2.37 -4.90
CA TYR D 37 9.78 2.94 -6.22
C TYR D 37 11.25 3.17 -6.56
N GLN D 38 11.56 3.04 -7.84
CA GLN D 38 12.89 3.31 -8.37
C GLN D 38 12.82 4.53 -9.28
N GLN D 39 13.88 5.33 -9.27
CA GLN D 39 13.91 6.57 -10.04
C GLN D 39 15.30 6.76 -10.63
N LYS D 40 15.41 6.62 -11.94
CA LYS D 40 16.60 7.05 -12.64
C LYS D 40 16.68 8.58 -12.63
N PRO D 41 17.87 9.15 -12.81
CA PRO D 41 17.98 10.61 -12.73
C PRO D 41 17.15 11.30 -13.80
N GLY D 42 16.28 12.20 -13.37
CA GLY D 42 15.47 12.99 -14.28
C GLY D 42 14.50 12.16 -15.11
N LYS D 43 13.79 11.23 -14.47
CA LYS D 43 12.85 10.38 -15.17
C LYS D 43 11.72 10.00 -14.22
N ALA D 44 10.64 9.52 -14.81
CA ALA D 44 9.46 9.15 -14.04
C ALA D 44 9.77 7.93 -13.18
N PRO D 45 9.59 8.00 -11.85
CA PRO D 45 9.84 6.80 -11.03
C PRO D 45 8.94 5.64 -11.41
N LYS D 46 9.50 4.43 -11.29
CA LYS D 46 8.77 3.21 -11.57
C LYS D 46 8.36 2.55 -10.24
N LEU D 47 7.73 1.39 -10.35
CA LEU D 47 7.34 0.59 -9.19
C LEU D 47 8.00 -0.78 -9.27
N LEU D 48 8.51 -1.25 -8.13
CA LEU D 48 9.14 -2.56 -8.04
C LEU D 48 8.35 -3.51 -7.16
N ILE D 49 8.08 -3.13 -5.91
CA ILE D 49 7.41 -4.00 -4.94
C ILE D 49 6.26 -3.22 -4.33
N TYR D 50 5.08 -3.85 -4.29
CA TYR D 50 3.91 -3.27 -3.65
C TYR D 50 3.36 -4.28 -2.65
N SER D 51 2.35 -3.84 -1.89
CA SER D 51 1.89 -4.59 -0.73
C SER D 51 3.01 -4.61 0.31
N ALA D 52 3.55 -5.76 0.65
CA ALA D 52 4.68 -5.81 1.56
C ALA D 52 5.86 -6.63 1.04
N SER D 53 5.59 -7.75 0.37
CA SER D 53 6.67 -8.57 -0.15
C SER D 53 6.35 -9.17 -1.53
N SER D 54 5.25 -8.77 -2.16
CA SER D 54 4.86 -9.32 -3.45
C SER D 54 5.46 -8.49 -4.57
N LEU D 55 6.14 -9.16 -5.50
CA LEU D 55 6.75 -8.49 -6.62
C LEU D 55 5.68 -7.99 -7.60
N TYR D 56 6.04 -6.99 -8.39
CA TYR D 56 5.16 -6.42 -9.40
C TYR D 56 5.55 -6.94 -10.77
N SER D 57 4.56 -7.39 -11.54
CA SER D 57 4.84 -8.00 -12.83
C SER D 57 5.61 -7.03 -13.73
N GLY D 58 6.66 -7.55 -14.37
CA GLY D 58 7.45 -6.77 -15.30
C GLY D 58 8.89 -6.59 -14.89
N VAL D 59 9.13 -6.32 -13.60
CA VAL D 59 10.49 -6.11 -13.11
C VAL D 59 11.17 -7.46 -12.97
N PRO D 60 12.50 -7.53 -13.08
CA PRO D 60 13.18 -8.82 -12.89
C PRO D 60 12.88 -9.41 -11.52
N SER D 61 13.18 -10.69 -11.38
CA SER D 61 12.90 -11.42 -10.14
C SER D 61 13.98 -11.24 -9.09
N ARG D 62 15.07 -10.53 -9.41
CA ARG D 62 16.10 -10.31 -8.40
C ARG D 62 15.56 -9.51 -7.22
N PHE D 63 14.76 -8.48 -7.50
CA PHE D 63 14.22 -7.64 -6.45
C PHE D 63 13.13 -8.38 -5.68
N SER D 64 13.20 -8.31 -4.35
CA SER D 64 12.18 -8.89 -3.50
C SER D 64 12.21 -8.17 -2.16
N GLY D 65 11.10 -8.30 -1.42
CA GLY D 65 10.94 -7.59 -0.17
C GLY D 65 10.53 -8.54 0.95
N SER D 66 10.62 -8.03 2.17
CA SER D 66 10.27 -8.80 3.35
C SER D 66 9.74 -7.85 4.43
N ARG D 67 9.00 -8.43 5.37
CA ARG D 67 8.40 -7.67 6.46
C ARG D 67 8.87 -8.24 7.79
N SER D 68 9.03 -7.34 8.77
CA SER D 68 9.41 -7.75 10.13
C SER D 68 8.91 -6.68 11.07
N GLY D 69 7.79 -6.95 11.74
CA GLY D 69 7.19 -5.98 12.63
C GLY D 69 6.84 -4.70 11.90
N THR D 70 7.59 -3.63 12.17
CA THR D 70 7.42 -2.36 11.49
C THR D 70 8.72 -1.88 10.87
N ASP D 71 9.59 -2.82 10.49
CA ASP D 71 10.89 -2.52 9.90
C ASP D 71 11.01 -3.32 8.62
N PHE D 72 10.54 -2.75 7.51
CA PHE D 72 10.60 -3.42 6.23
C PHE D 72 12.01 -3.32 5.64
N THR D 73 12.30 -4.21 4.69
CA THR D 73 13.60 -4.25 4.06
C THR D 73 13.46 -4.73 2.61
N LEU D 74 14.25 -4.14 1.72
CA LEU D 74 14.30 -4.52 0.32
C LEU D 74 15.58 -5.29 0.07
N THR D 75 15.48 -6.43 -0.61
CA THR D 75 16.60 -7.30 -0.88
C THR D 75 16.89 -7.35 -2.38
N ILE D 76 18.17 -7.26 -2.73
CA ILE D 76 18.63 -7.40 -4.11
C ILE D 76 19.56 -8.59 -4.17
N SER D 77 19.23 -9.55 -5.04
CA SER D 77 20.07 -10.75 -5.15
C SER D 77 21.47 -10.40 -5.65
N SER D 78 21.56 -9.53 -6.65
CA SER D 78 22.84 -9.10 -7.19
C SER D 78 22.60 -7.94 -8.14
N LEU D 79 23.51 -6.97 -8.12
CA LEU D 79 23.31 -5.72 -8.85
C LEU D 79 23.94 -5.85 -10.24
N GLN D 80 23.08 -5.93 -11.25
CA GLN D 80 23.53 -5.77 -12.62
C GLN D 80 23.86 -4.31 -12.88
N PRO D 81 24.63 -4.00 -13.94
CA PRO D 81 24.93 -2.61 -14.27
C PRO D 81 23.77 -1.88 -14.93
N GLU D 82 22.57 -2.04 -14.35
CA GLU D 82 21.38 -1.41 -14.86
C GLU D 82 20.47 -0.89 -13.76
N ASP D 83 20.85 -1.05 -12.50
CA ASP D 83 20.02 -0.66 -11.36
C ASP D 83 20.78 0.26 -10.42
N PHE D 84 21.58 1.15 -10.99
CA PHE D 84 22.31 2.15 -10.21
C PHE D 84 21.49 3.44 -10.20
N ALA D 85 20.52 3.48 -9.29
CA ALA D 85 19.60 4.61 -9.19
C ALA D 85 19.21 4.76 -7.72
N THR D 86 18.16 5.53 -7.47
CA THR D 86 17.69 5.80 -6.12
C THR D 86 16.33 5.12 -5.89
N TYR D 87 16.10 4.68 -4.66
CA TYR D 87 14.89 3.95 -4.30
C TYR D 87 14.21 4.65 -3.13
N TYR D 88 12.89 4.82 -3.24
CA TYR D 88 12.09 5.49 -2.21
C TYR D 88 11.06 4.51 -1.66
N CYS D 89 10.98 4.43 -0.33
CA CYS D 89 9.95 3.63 0.31
C CYS D 89 8.70 4.47 0.57
N GLN D 90 7.65 3.80 1.02
CA GLN D 90 6.34 4.44 1.14
C GLN D 90 5.50 3.71 2.17
N GLN D 91 4.48 4.42 2.66
CA GLN D 91 3.42 3.82 3.44
C GLN D 91 2.09 4.36 2.94
N SER D 92 1.09 3.50 2.84
CA SER D 92 -0.22 3.85 2.29
C SER D 92 -1.33 3.41 3.23
N TYR D 93 -1.10 3.53 4.53
CA TYR D 93 -2.08 3.15 5.53
C TYR D 93 -2.51 4.33 6.40
N TYR D 94 -2.02 5.53 6.12
CA TYR D 94 -2.40 6.72 6.88
C TYR D 94 -2.22 7.94 6.00
N TYR D 95 -3.31 8.45 5.45
CA TYR D 95 -3.24 9.70 4.71
C TYR D 95 -2.84 10.82 5.65
N PRO D 96 -1.94 11.73 5.23
CA PRO D 96 -1.29 11.84 3.91
C PRO D 96 -0.20 10.79 3.69
N ILE D 97 0.11 10.50 2.43
CA ILE D 97 1.19 9.58 2.12
C ILE D 97 2.52 10.27 2.37
N THR D 98 3.39 9.60 3.13
CA THR D 98 4.69 10.15 3.51
C THR D 98 5.79 9.29 2.91
N PHE D 99 6.42 9.80 1.85
CA PHE D 99 7.53 9.09 1.23
C PHE D 99 8.77 9.16 2.11
N GLY D 100 9.69 8.22 1.88
CA GLY D 100 10.92 8.21 2.64
C GLY D 100 11.91 9.25 2.15
N GLN D 101 13.00 9.38 2.91
CA GLN D 101 14.02 10.37 2.57
C GLN D 101 14.64 10.07 1.21
N GLY D 102 15.11 8.84 1.03
CA GLY D 102 15.72 8.44 -0.22
C GLY D 102 17.07 7.78 -0.07
N THR D 103 17.34 6.79 -0.91
CA THR D 103 18.60 6.06 -0.90
C THR D 103 19.28 6.21 -2.25
N LYS D 104 20.59 6.40 -2.23
CA LYS D 104 21.39 6.50 -3.45
C LYS D 104 22.41 5.38 -3.48
N VAL D 105 22.43 4.65 -4.59
CA VAL D 105 23.33 3.52 -4.78
C VAL D 105 24.19 3.84 -5.99
N GLU D 106 25.46 4.17 -5.74
CA GLU D 106 26.38 4.59 -6.79
C GLU D 106 27.46 3.53 -6.99
N ILE D 107 28.16 3.64 -8.11
CA ILE D 107 29.20 2.67 -8.45
C ILE D 107 30.38 2.84 -7.51
N LYS D 108 31.10 1.75 -7.28
CA LYS D 108 32.27 1.73 -6.42
C LYS D 108 33.52 1.48 -7.26
N ARG D 109 34.62 2.09 -6.84
CA ARG D 109 35.90 1.93 -7.53
C ARG D 109 37.02 2.29 -6.55
N THR D 110 38.24 2.38 -7.08
CA THR D 110 39.39 2.72 -6.25
C THR D 110 39.37 4.20 -5.88
N VAL D 111 39.96 4.50 -4.71
CA VAL D 111 40.02 5.88 -4.26
C VAL D 111 40.88 6.70 -5.22
N ALA D 112 40.63 8.01 -5.24
CA ALA D 112 41.32 8.94 -6.13
C ALA D 112 41.83 10.13 -5.33
N ALA D 113 42.85 10.78 -5.88
CA ALA D 113 43.48 11.92 -5.22
C ALA D 113 43.01 13.21 -5.89
N PRO D 114 42.22 14.04 -5.22
CA PRO D 114 41.77 15.28 -5.85
C PRO D 114 42.93 16.23 -6.13
N SER D 115 42.74 17.07 -7.15
CA SER D 115 43.67 18.13 -7.50
C SER D 115 42.99 19.48 -7.33
N VAL D 116 43.75 20.48 -6.88
CA VAL D 116 43.20 21.78 -6.52
C VAL D 116 43.72 22.83 -7.50
N PHE D 117 42.84 23.72 -7.92
CA PHE D 117 43.20 24.86 -8.75
C PHE D 117 42.33 26.05 -8.37
N ILE D 118 42.92 27.24 -8.40
CA ILE D 118 42.22 28.47 -8.05
C ILE D 118 42.32 29.44 -9.22
N PHE D 119 41.21 30.11 -9.52
CA PHE D 119 41.13 31.00 -10.67
C PHE D 119 40.92 32.43 -10.19
N PRO D 120 41.88 33.34 -10.36
CA PRO D 120 41.67 34.73 -9.94
C PRO D 120 40.53 35.36 -10.70
N PRO D 121 39.90 36.39 -10.16
CA PRO D 121 38.81 37.06 -10.88
C PRO D 121 39.32 37.72 -12.14
N SER D 122 38.53 37.64 -13.20
CA SER D 122 38.89 38.24 -14.47
C SER D 122 38.87 39.77 -14.36
N ASP D 123 39.71 40.41 -15.17
CA ASP D 123 39.76 41.87 -15.17
C ASP D 123 38.39 42.46 -15.50
N SER D 124 37.67 41.85 -16.45
CA SER D 124 36.34 42.32 -16.78
C SER D 124 35.41 42.21 -15.57
N GLN D 125 35.54 41.14 -14.79
CA GLN D 125 34.64 40.93 -13.66
C GLN D 125 34.72 42.08 -12.66
N LEU D 126 35.86 42.77 -12.60
CA LEU D 126 35.97 43.92 -11.70
C LEU D 126 35.03 45.04 -12.12
N LYS D 127 34.76 45.17 -13.42
CA LYS D 127 33.87 46.24 -13.89
C LYS D 127 32.46 46.06 -13.34
N SER D 128 32.00 44.82 -13.25
CA SER D 128 30.65 44.56 -12.75
C SER D 128 30.48 44.99 -11.30
N GLY D 129 31.58 45.20 -10.57
CA GLY D 129 31.53 45.59 -9.18
C GLY D 129 31.50 44.43 -8.19
N THR D 130 31.37 43.20 -8.68
CA THR D 130 31.40 42.01 -7.83
C THR D 130 32.54 41.11 -8.29
N ALA D 131 33.40 40.73 -7.35
CA ALA D 131 34.55 39.88 -7.64
C ALA D 131 34.23 38.45 -7.21
N SER D 132 34.66 37.49 -8.04
CA SER D 132 34.41 36.08 -7.78
C SER D 132 35.68 35.28 -8.00
N VAL D 133 35.89 34.29 -7.15
CA VAL D 133 36.99 33.35 -7.28
C VAL D 133 36.43 31.94 -7.25
N VAL D 134 37.15 31.01 -7.89
CA VAL D 134 36.69 29.64 -8.04
C VAL D 134 37.82 28.71 -7.63
N CYS D 135 37.50 27.71 -6.81
CA CYS D 135 38.43 26.66 -6.43
C CYS D 135 37.88 25.34 -6.96
N LEU D 136 38.72 24.60 -7.69
CA LEU D 136 38.26 23.50 -8.51
C LEU D 136 38.88 22.18 -8.07
N LEU D 137 38.06 21.14 -8.02
CA LEU D 137 38.50 19.77 -7.78
C LEU D 137 37.94 18.89 -8.88
N ASN D 138 38.79 18.07 -9.50
CA ASN D 138 38.39 17.25 -10.64
C ASN D 138 38.93 15.84 -10.48
N ASN D 139 38.11 14.86 -10.84
CA ASN D 139 38.50 13.45 -10.89
C ASN D 139 39.02 12.98 -9.54
N PHE D 140 38.14 12.98 -8.56
CA PHE D 140 38.44 12.50 -7.21
C PHE D 140 37.35 11.53 -6.78
N TYR D 141 37.47 11.02 -5.56
CA TYR D 141 36.54 10.02 -5.05
C TYR D 141 36.70 9.91 -3.54
N PRO D 142 35.63 9.70 -2.78
CA PRO D 142 34.21 9.66 -3.18
C PRO D 142 33.54 11.02 -3.21
N ARG D 143 32.21 11.04 -3.37
CA ARG D 143 31.46 12.28 -3.30
C ARG D 143 31.79 13.07 -2.05
N GLU D 144 31.93 12.39 -0.92
CA GLU D 144 32.18 13.03 0.35
C GLU D 144 33.46 13.87 0.28
N ALA D 145 33.33 15.16 0.50
CA ALA D 145 34.47 16.07 0.47
C ALA D 145 34.11 17.34 1.23
N LYS D 146 35.14 18.08 1.63
CA LYS D 146 34.96 19.30 2.41
C LYS D 146 36.01 20.32 1.98
N VAL D 147 35.56 21.56 1.73
CA VAL D 147 36.44 22.65 1.35
C VAL D 147 36.00 23.90 2.11
N GLN D 148 36.97 24.64 2.62
CA GLN D 148 36.72 25.87 3.35
C GLN D 148 37.54 27.01 2.77
N TRP D 149 37.03 28.23 2.95
CA TRP D 149 37.62 29.44 2.37
C TRP D 149 38.30 30.25 3.46
N LYS D 150 39.54 30.63 3.22
CA LYS D 150 40.31 31.46 4.14
C LYS D 150 40.99 32.57 3.34
N VAL D 151 40.84 33.81 3.81
CA VAL D 151 41.44 34.98 3.19
C VAL D 151 42.28 35.70 4.23
N ASP D 152 43.54 35.99 3.90
CA ASP D 152 44.45 36.66 4.82
C ASP D 152 44.48 35.95 6.17
N ASN D 153 44.50 34.62 6.13
CA ASN D 153 44.50 33.80 7.33
C ASN D 153 43.26 34.05 8.19
N ALA D 154 42.14 34.41 7.55
CA ALA D 154 40.88 34.64 8.24
C ALA D 154 39.81 33.77 7.59
N LEU D 155 39.07 33.05 8.42
CA LEU D 155 38.04 32.15 7.93
C LEU D 155 36.92 32.95 7.27
N GLN D 156 36.36 32.38 6.19
CA GLN D 156 35.21 32.95 5.51
C GLN D 156 34.06 31.96 5.54
N SER D 157 32.86 32.46 5.86
CA SER D 157 31.70 31.60 6.00
C SER D 157 30.44 32.39 5.69
N GLY D 158 29.37 31.66 5.38
CA GLY D 158 28.09 32.26 5.09
C GLY D 158 27.93 32.78 3.68
N ASN D 159 28.95 32.67 2.84
CA ASN D 159 28.88 33.16 1.47
C ASN D 159 29.75 32.26 0.59
N SER D 160 29.13 31.26 -0.02
CA SER D 160 29.82 30.36 -0.93
C SER D 160 28.78 29.39 -1.51
N GLN D 161 29.15 28.76 -2.61
CA GLN D 161 28.29 27.80 -3.29
C GLN D 161 29.08 26.52 -3.55
N GLU D 162 28.36 25.40 -3.60
CA GLU D 162 28.97 24.10 -3.82
C GLU D 162 28.11 23.30 -4.78
N SER D 163 28.74 22.68 -5.78
CA SER D 163 28.05 21.85 -6.74
C SER D 163 29.02 20.84 -7.31
N VAL D 164 28.54 19.61 -7.54
CA VAL D 164 29.37 18.52 -8.02
C VAL D 164 28.60 17.75 -9.10
N THR D 165 29.30 17.38 -10.17
CA THR D 165 28.70 16.55 -11.20
C THR D 165 28.38 15.16 -10.64
N GLU D 166 27.78 14.32 -11.47
CA GLU D 166 27.39 12.98 -11.09
C GLU D 166 28.47 11.98 -11.53
N GLN D 167 28.20 10.69 -11.32
CA GLN D 167 29.17 9.66 -11.64
C GLN D 167 29.54 9.73 -13.12
N ASP D 168 30.85 9.67 -13.39
CA ASP D 168 31.33 9.66 -14.77
C ASP D 168 31.28 8.24 -15.32
N SER D 169 30.76 8.11 -16.54
CA SER D 169 30.62 6.79 -17.15
C SER D 169 31.97 6.12 -17.42
N LYS D 170 33.05 6.89 -17.51
CA LYS D 170 34.37 6.35 -17.83
C LYS D 170 35.25 6.24 -16.58
N ASP D 171 35.43 7.34 -15.87
CA ASP D 171 36.30 7.35 -14.70
C ASP D 171 35.58 6.95 -13.42
N SER D 172 34.27 7.08 -13.36
CA SER D 172 33.51 6.80 -12.15
C SER D 172 34.00 7.64 -10.98
N THR D 173 34.27 8.92 -11.26
CA THR D 173 34.76 9.87 -10.27
C THR D 173 33.82 11.07 -10.20
N TYR D 174 34.23 12.08 -9.43
CA TYR D 174 33.45 13.28 -9.24
C TYR D 174 34.35 14.50 -9.42
N SER D 175 33.71 15.64 -9.70
CA SER D 175 34.39 16.92 -9.80
C SER D 175 33.59 17.96 -9.03
N LEU D 176 34.27 18.70 -8.16
CA LEU D 176 33.63 19.67 -7.28
C LEU D 176 34.13 21.06 -7.63
N SER D 177 33.20 22.01 -7.77
CA SER D 177 33.51 23.41 -8.02
C SER D 177 32.76 24.26 -7.02
N SER D 178 33.49 25.16 -6.35
CA SER D 178 32.91 26.08 -5.39
C SER D 178 33.23 27.50 -5.81
N THR D 179 32.24 28.39 -5.67
CA THR D 179 32.35 29.77 -6.12
C THR D 179 32.18 30.70 -4.92
N LEU D 180 33.12 31.60 -4.74
CA LEU D 180 33.04 32.66 -3.74
C LEU D 180 32.76 33.98 -4.45
N THR D 181 31.75 34.70 -3.97
CA THR D 181 31.39 36.00 -4.50
C THR D 181 31.68 37.06 -3.46
N LEU D 182 32.47 38.08 -3.85
CA LEU D 182 32.89 39.13 -2.95
C LEU D 182 32.70 40.48 -3.62
N SER D 183 32.37 41.49 -2.82
CA SER D 183 32.19 42.83 -3.33
C SER D 183 33.52 43.38 -3.84
N LYS D 184 33.43 44.26 -4.85
CA LYS D 184 34.64 44.85 -5.42
C LYS D 184 35.43 45.61 -4.36
N ALA D 185 34.75 46.40 -3.54
CA ALA D 185 35.44 47.18 -2.51
C ALA D 185 36.15 46.26 -1.53
N ASP D 186 35.49 45.18 -1.11
CA ASP D 186 36.12 44.25 -0.18
C ASP D 186 37.29 43.52 -0.81
N TYR D 187 37.27 43.36 -2.14
CA TYR D 187 38.34 42.60 -2.80
C TYR D 187 39.70 43.26 -2.58
N GLU D 188 39.79 44.57 -2.80
CA GLU D 188 41.06 45.25 -2.61
C GLU D 188 41.44 45.38 -1.15
N LYS D 189 40.48 45.22 -0.23
CA LYS D 189 40.80 45.34 1.19
C LYS D 189 41.79 44.26 1.63
N HIS D 190 41.60 43.03 1.16
CA HIS D 190 42.49 41.93 1.49
C HIS D 190 43.51 41.73 0.38
N LYS D 191 44.52 40.90 0.67
CA LYS D 191 45.62 40.69 -0.27
C LYS D 191 45.84 39.21 -0.58
N VAL D 192 45.62 38.34 0.41
CA VAL D 192 45.95 36.92 0.29
C VAL D 192 44.65 36.13 0.25
N TYR D 193 44.44 35.41 -0.85
CA TYR D 193 43.33 34.48 -1.01
C TYR D 193 43.88 33.06 -1.03
N ALA D 194 43.20 32.15 -0.33
CA ALA D 194 43.66 30.77 -0.25
C ALA D 194 42.47 29.83 -0.22
N CYS D 195 42.62 28.68 -0.88
CA CYS D 195 41.64 27.60 -0.87
C CYS D 195 42.24 26.40 -0.14
N GLU D 196 41.50 25.88 0.83
CA GLU D 196 41.91 24.71 1.59
C GLU D 196 40.97 23.56 1.30
N VAL D 197 41.54 22.39 1.02
CA VAL D 197 40.78 21.18 0.70
C VAL D 197 41.09 20.14 1.76
N THR D 198 40.04 19.51 2.29
CA THR D 198 40.19 18.41 3.24
C THR D 198 39.45 17.20 2.68
N HIS D 199 40.17 16.08 2.55
CA HIS D 199 39.61 14.89 1.95
C HIS D 199 40.28 13.67 2.56
N GLN D 200 39.56 12.54 2.51
CA GLN D 200 40.09 11.30 3.05
C GLN D 200 41.26 10.77 2.24
N GLY D 201 41.40 11.19 0.98
CA GLY D 201 42.48 10.72 0.15
C GLY D 201 43.79 11.47 0.29
N LEU D 202 43.80 12.56 1.04
CA LEU D 202 44.99 13.38 1.24
C LEU D 202 45.49 13.22 2.68
N SER D 203 46.81 13.26 2.83
CA SER D 203 47.41 13.21 4.16
C SER D 203 46.97 14.40 4.99
N SER D 204 47.31 15.60 4.53
CA SER D 204 46.95 16.85 5.20
C SER D 204 46.32 17.79 4.18
N PRO D 205 45.55 18.78 4.64
CA PRO D 205 44.89 19.68 3.70
C PRO D 205 45.88 20.37 2.78
N VAL D 206 45.48 20.55 1.53
CA VAL D 206 46.30 21.18 0.51
C VAL D 206 45.89 22.64 0.39
N THR D 207 46.86 23.54 0.47
CA THR D 207 46.62 24.98 0.41
C THR D 207 47.03 25.50 -0.96
N LYS D 208 46.09 26.13 -1.66
CA LYS D 208 46.36 26.82 -2.91
C LYS D 208 45.96 28.28 -2.73
N SER D 209 46.93 29.18 -2.92
CA SER D 209 46.72 30.60 -2.68
C SER D 209 47.37 31.40 -3.79
N PHE D 210 46.93 32.65 -3.93
CA PHE D 210 47.45 33.54 -4.95
C PHE D 210 47.37 34.97 -4.44
N ASN D 211 48.18 35.84 -5.04
CA ASN D 211 48.22 37.25 -4.71
C ASN D 211 48.04 38.07 -5.98
N ARG D 212 47.88 39.37 -5.82
CA ARG D 212 47.64 40.26 -6.95
C ARG D 212 48.95 40.81 -7.49
N GLN E 7 47.33 1.47 18.99
CA GLN E 7 48.76 1.40 18.69
C GLN E 7 49.04 0.29 17.69
N GLU E 8 49.84 0.60 16.66
CA GLU E 8 50.11 -0.35 15.60
C GLU E 8 50.89 -1.55 16.13
N SER E 9 50.63 -2.71 15.55
CA SER E 9 51.31 -3.94 15.89
C SER E 9 51.61 -4.72 14.63
N GLY E 10 52.79 -5.32 14.56
CA GLY E 10 53.20 -6.09 13.41
C GLY E 10 54.63 -5.81 12.99
N GLY E 11 54.89 -5.93 11.69
CA GLY E 11 56.21 -5.66 11.16
C GLY E 11 57.12 -6.87 11.20
N GLY E 12 58.08 -6.90 10.30
CA GLY E 12 59.03 -8.01 10.23
C GLY E 12 59.64 -8.10 8.85
N LEU E 13 60.17 -9.29 8.55
CA LEU E 13 60.79 -9.59 7.28
C LEU E 13 60.01 -10.70 6.60
N VAL E 14 59.66 -10.50 5.33
CA VAL E 14 58.83 -11.44 4.59
C VAL E 14 59.41 -11.63 3.20
N GLN E 15 59.58 -12.89 2.80
CA GLN E 15 59.91 -13.21 1.43
C GLN E 15 58.72 -12.91 0.52
N PRO E 16 58.95 -12.48 -0.72
CA PRO E 16 57.82 -12.25 -1.62
C PRO E 16 56.94 -13.48 -1.73
N GLY E 17 55.63 -13.25 -1.63
CA GLY E 17 54.65 -14.32 -1.56
C GLY E 17 54.16 -14.64 -0.17
N GLY E 18 54.62 -13.91 0.85
CA GLY E 18 54.21 -14.12 2.22
C GLY E 18 53.05 -13.25 2.63
N SER E 19 52.96 -12.98 3.92
CA SER E 19 51.89 -12.15 4.47
C SER E 19 52.24 -11.81 5.91
N LEU E 20 51.45 -10.90 6.48
CA LEU E 20 51.65 -10.46 7.86
C LEU E 20 50.45 -9.61 8.26
N ARG E 21 50.10 -9.65 9.54
CA ARG E 21 48.93 -8.97 10.08
C ARG E 21 49.34 -7.62 10.66
N LEU E 22 48.62 -6.57 10.29
CA LEU E 22 48.78 -5.23 10.85
C LEU E 22 47.48 -4.78 11.48
N SER E 23 47.57 -4.20 12.66
CA SER E 23 46.38 -3.72 13.35
C SER E 23 46.77 -2.67 14.39
N CYS E 24 45.81 -1.85 14.76
CA CYS E 24 45.97 -0.86 15.82
C CYS E 24 44.67 -0.79 16.62
N ALA E 25 44.81 -0.45 17.91
CA ALA E 25 43.69 -0.45 18.83
C ALA E 25 43.44 0.95 19.38
N ALA E 26 42.19 1.20 19.76
CA ALA E 26 41.82 2.50 20.30
C ALA E 26 42.54 2.76 21.62
N SER E 27 43.09 3.97 21.76
CA SER E 27 43.80 4.35 22.97
C SER E 27 42.84 4.88 24.02
N TYR E 34 33.00 6.74 14.28
CA TYR E 34 34.30 7.17 13.77
C TYR E 34 34.82 6.18 12.74
N ALA E 35 35.92 6.55 12.06
CA ALA E 35 36.50 5.72 11.02
C ALA E 35 38.01 5.70 11.18
N MET E 36 38.63 4.63 10.68
CA MET E 36 40.06 4.42 10.78
C MET E 36 40.67 4.41 9.38
N SER E 37 41.95 4.81 9.31
CA SER E 37 42.63 4.94 8.03
C SER E 37 44.04 4.38 8.13
N TRP E 38 44.59 4.02 6.97
CA TRP E 38 45.93 3.47 6.86
C TRP E 38 46.70 4.24 5.79
N PHE E 39 47.98 4.51 6.06
CA PHE E 39 48.84 5.26 5.16
C PHE E 39 50.12 4.47 4.90
N ARG E 40 50.89 4.96 3.94
CA ARG E 40 52.20 4.42 3.60
C ARG E 40 53.18 5.58 3.45
N GLN E 41 54.44 5.34 3.80
CA GLN E 41 55.50 6.34 3.66
C GLN E 41 56.76 5.65 3.17
N ALA E 42 57.06 5.80 1.89
CA ALA E 42 58.27 5.23 1.32
C ALA E 42 59.48 6.10 1.70
N PRO E 43 60.50 5.55 2.37
CA PRO E 43 61.68 6.38 2.70
C PRO E 43 62.34 6.96 1.46
N GLU E 46 57.48 9.87 1.07
CA GLU E 46 56.34 10.22 0.24
C GLU E 46 55.06 9.63 0.80
N ARG E 47 54.51 10.26 1.83
CA ARG E 47 53.28 9.80 2.44
C ARG E 47 52.15 9.78 1.42
N GLU E 48 51.31 8.75 1.50
CA GLU E 48 50.19 8.60 0.56
C GLU E 48 49.16 7.67 1.19
N PHE E 49 48.07 7.45 0.45
CA PHE E 49 46.89 6.76 0.94
C PHE E 49 46.79 5.35 0.37
N VAL E 50 46.49 4.38 1.23
CA VAL E 50 46.39 2.97 0.84
C VAL E 50 44.99 2.43 1.08
N ALA E 51 44.45 2.64 2.28
CA ALA E 51 43.17 2.03 2.62
C ALA E 51 42.50 2.82 3.75
N VAL E 52 41.20 2.58 3.90
CA VAL E 52 40.41 3.22 4.94
C VAL E 52 39.19 2.33 5.20
N ALA E 53 38.67 2.39 6.42
CA ALA E 53 37.53 1.57 6.82
C ALA E 53 36.35 2.46 7.14
N ARG E 54 35.17 2.04 6.70
CA ARG E 54 33.92 2.74 6.94
C ARG E 54 33.11 2.01 8.01
N ARG E 55 32.12 2.71 8.58
CA ARG E 55 31.32 2.12 9.64
C ARG E 55 30.62 0.84 9.16
N SER E 56 30.07 0.86 7.95
CA SER E 56 29.38 -0.30 7.40
C SER E 56 28.78 0.03 6.04
N GLY E 59 31.45 0.58 3.64
CA GLY E 59 32.26 -0.63 3.62
C GLY E 59 33.74 -0.36 3.79
N ALA E 60 34.49 -0.53 2.71
CA ALA E 60 35.94 -0.31 2.74
C ALA E 60 36.40 0.13 1.36
N PHE E 61 37.57 0.74 1.31
CA PHE E 61 38.15 1.21 0.06
C PHE E 61 39.67 1.02 0.12
N TYR E 62 40.26 0.89 -1.06
CA TYR E 62 41.70 0.66 -1.19
C TYR E 62 42.24 1.50 -2.34
N ALA E 63 43.52 1.85 -2.23
CA ALA E 63 44.19 2.55 -3.31
C ALA E 63 44.30 1.67 -4.55
N ASP E 64 44.32 2.31 -5.72
CA ASP E 64 44.36 1.56 -6.97
C ASP E 64 45.57 0.63 -7.01
N SER E 65 46.71 1.09 -6.51
CA SER E 65 47.92 0.28 -6.52
C SER E 65 47.82 -0.93 -5.60
N VAL E 66 46.81 -0.99 -4.74
CA VAL E 66 46.70 -2.06 -3.75
C VAL E 66 45.33 -2.73 -3.89
N GLN E 67 44.79 -2.74 -5.11
CA GLN E 67 43.47 -3.29 -5.35
C GLN E 67 43.50 -4.80 -5.13
N GLY E 68 42.90 -5.25 -4.03
CA GLY E 68 42.76 -6.66 -3.75
C GLY E 68 43.95 -7.28 -3.04
N ARG E 69 45.11 -6.64 -3.07
CA ARG E 69 46.29 -7.22 -2.43
C ARG E 69 46.09 -7.35 -0.93
N PHE E 70 45.54 -6.32 -0.29
CA PHE E 70 45.34 -6.30 1.15
C PHE E 70 43.86 -6.13 1.46
N THR E 71 43.46 -6.60 2.65
CA THR E 71 42.08 -6.51 3.10
C THR E 71 42.05 -5.95 4.51
N VAL E 72 40.99 -5.20 4.82
CA VAL E 72 40.86 -4.48 6.08
C VAL E 72 39.52 -4.82 6.71
N SER E 73 39.46 -4.69 8.04
CA SER E 73 38.24 -4.91 8.78
C SER E 73 38.24 -4.03 10.02
N ARG E 74 37.05 -3.81 10.56
CA ARG E 74 36.86 -2.93 11.73
C ARG E 74 36.22 -3.75 12.84
N ASP E 75 37.04 -4.28 13.74
CA ASP E 75 36.52 -5.04 14.87
C ASP E 75 35.91 -4.09 15.90
N ASP E 76 34.77 -4.51 16.46
CA ASP E 76 34.09 -3.72 17.48
C ASP E 76 34.08 -4.47 18.81
N ASN E 79 36.81 -3.23 19.05
CA ASN E 79 37.24 -1.85 18.88
C ASN E 79 38.48 -1.76 18.01
N THR E 80 39.21 -2.87 17.90
CA THR E 80 40.43 -2.90 17.12
C THR E 80 40.10 -2.88 15.62
N VAL E 81 41.13 -2.60 14.82
CA VAL E 81 41.02 -2.62 13.37
C VAL E 81 42.17 -3.46 12.83
N TYR E 82 41.85 -4.38 11.92
CA TYR E 82 42.82 -5.29 11.35
C TYR E 82 43.07 -4.98 9.89
N LEU E 83 44.31 -5.15 9.45
CA LEU E 83 44.69 -5.03 8.05
C LEU E 83 45.43 -6.32 7.68
N GLN E 84 44.72 -7.25 7.04
CA GLN E 84 45.31 -8.54 6.67
C GLN E 84 46.24 -8.36 5.49
N MET E 85 47.38 -7.70 5.73
CA MET E 85 48.33 -7.42 4.66
C MET E 85 48.88 -8.73 4.10
N ASN E 86 48.52 -9.05 2.86
CA ASN E 86 48.82 -10.34 2.25
C ASN E 86 49.43 -10.13 0.87
N SER E 87 50.14 -11.16 0.40
CA SER E 87 50.71 -11.19 -0.94
C SER E 87 51.68 -10.02 -1.15
N LEU E 88 52.78 -10.07 -0.40
CA LEU E 88 53.79 -9.03 -0.46
C LEU E 88 54.36 -8.91 -1.87
N LYS E 89 54.67 -7.69 -2.26
CA LYS E 89 55.34 -7.37 -3.52
C LYS E 89 56.52 -6.46 -3.21
N PRO E 90 57.53 -6.41 -4.10
CA PRO E 90 58.77 -5.67 -3.80
C PRO E 90 58.62 -4.15 -3.94
N GLU E 91 57.53 -3.61 -3.39
CA GLU E 91 57.30 -2.17 -3.38
C GLU E 91 56.74 -1.66 -2.06
N ASP E 92 56.49 -2.52 -1.08
CA ASP E 92 55.74 -2.16 0.13
C ASP E 92 56.64 -1.87 1.32
N THR E 93 57.93 -1.65 1.10
CA THR E 93 58.84 -1.34 2.21
C THR E 93 58.54 0.08 2.67
N ALA E 94 57.77 0.20 3.75
CA ALA E 94 57.37 1.50 4.27
C ALA E 94 56.63 1.31 5.58
N VAL E 95 56.77 2.28 6.48
CA VAL E 95 56.08 2.26 7.75
C VAL E 95 54.63 2.68 7.53
N TYR E 96 53.71 1.95 8.15
CA TYR E 96 52.28 2.18 8.00
C TYR E 96 51.71 2.79 9.27
N TYR E 97 50.86 3.80 9.11
CA TYR E 97 50.33 4.57 10.23
C TYR E 97 48.82 4.46 10.31
N CYS E 98 48.29 4.53 11.53
CA CYS E 98 46.85 4.60 11.76
C CYS E 98 46.46 6.04 12.02
N ALA E 99 45.33 6.46 11.44
CA ALA E 99 44.82 7.80 11.59
C ALA E 99 43.33 7.76 11.89
N ILE E 100 42.85 8.79 12.58
CA ILE E 100 41.47 8.88 13.02
C ILE E 100 40.86 10.15 12.44
N ASP E 101 39.69 10.01 11.82
CA ASP E 101 38.95 11.16 11.29
C ASP E 101 38.06 11.67 12.41
N SER E 102 38.46 12.79 13.02
CA SER E 102 37.73 13.34 14.15
C SER E 102 36.35 13.85 13.77
N ASP E 103 36.06 14.03 12.49
CA ASP E 103 34.76 14.52 12.05
C ASP E 103 33.77 13.36 12.01
N THR E 104 32.63 13.54 12.68
CA THR E 104 31.60 12.49 12.67
C THR E 104 31.10 12.22 11.26
N PHE E 105 31.12 13.22 10.39
CA PHE E 105 30.74 13.05 9.00
C PHE E 105 31.93 12.69 8.12
N TYR E 106 33.00 12.16 8.70
CA TYR E 106 34.07 11.49 7.96
C TYR E 106 34.65 12.40 6.88
N SER E 107 34.83 13.69 7.20
CA SER E 107 35.37 14.62 6.22
C SER E 107 36.78 14.21 5.79
N GLY E 108 37.62 13.82 6.75
CA GLY E 108 38.98 13.42 6.44
C GLY E 108 40.01 14.18 7.24
N SER E 109 39.58 14.80 8.34
CA SER E 109 40.48 15.58 9.20
C SER E 109 41.17 14.63 10.16
N TYR E 110 42.49 14.50 10.02
CA TYR E 110 43.28 13.58 10.83
C TYR E 110 43.97 14.38 11.93
N ASP E 111 43.27 14.57 13.04
CA ASP E 111 43.82 15.37 14.13
C ASP E 111 44.90 14.60 14.89
N TYR E 112 44.67 13.32 15.17
CA TYR E 112 45.60 12.49 15.91
C TYR E 112 46.43 11.66 14.95
N TRP E 113 47.71 11.49 15.27
CA TRP E 113 48.66 10.86 14.37
C TRP E 113 49.35 9.69 15.07
N GLY E 114 49.49 8.58 14.35
CA GLY E 114 50.12 7.39 14.89
C GLY E 114 51.61 7.35 14.63
N GLN E 115 52.25 6.32 15.21
CA GLN E 115 53.69 6.13 15.09
C GLN E 115 54.07 5.14 14.01
N GLY E 116 53.30 4.08 13.81
CA GLY E 116 53.58 3.10 12.79
C GLY E 116 54.66 2.11 13.20
N THR E 117 54.88 1.12 12.33
CA THR E 117 55.88 0.09 12.55
C THR E 117 56.64 -0.16 11.26
N GLN E 118 57.94 -0.39 11.37
CA GLN E 118 58.77 -0.65 10.20
C GLN E 118 58.35 -1.94 9.53
N VAL E 119 58.31 -1.93 8.20
CA VAL E 119 57.96 -3.09 7.40
C VAL E 119 58.92 -3.18 6.23
N THR E 120 59.46 -4.36 5.99
CA THR E 120 60.39 -4.57 4.88
C THR E 120 60.24 -6.01 4.38
N VAL E 121 60.36 -6.18 3.06
CA VAL E 121 60.24 -7.49 2.45
C VAL E 121 61.62 -8.04 2.13
#